data_1C56
# 
_entry.id   1C56 
# 
_audit_conform.dict_name       mmcif_pdbx.dic 
_audit_conform.dict_version    5.398 
_audit_conform.dict_location   http://mmcif.pdb.org/dictionaries/ascii/mmcif_pdbx.dic 
# 
loop_
_database_2.database_id 
_database_2.database_code 
_database_2.pdbx_database_accession 
_database_2.pdbx_DOI 
PDB   1C56         pdb_00001c56 10.2210/pdb1c56/pdb 
RCSB  RCSB001321   ?            ?                   
WWPDB D_1000001321 ?            ?                   
# 
loop_
_pdbx_audit_revision_history.ordinal 
_pdbx_audit_revision_history.data_content_type 
_pdbx_audit_revision_history.major_revision 
_pdbx_audit_revision_history.minor_revision 
_pdbx_audit_revision_history.revision_date 
1 'Structure model' 1 0 2000-07-19 
2 'Structure model' 1 1 2008-04-26 
3 'Structure model' 1 2 2011-07-13 
4 'Structure model' 1 3 2022-02-16 
5 'Structure model' 1 4 2023-12-27 
6 'Structure model' 1 5 2024-11-13 
# 
_pdbx_audit_revision_details.ordinal             1 
_pdbx_audit_revision_details.revision_ordinal    1 
_pdbx_audit_revision_details.data_content_type   'Structure model' 
_pdbx_audit_revision_details.provider            repository 
_pdbx_audit_revision_details.type                'Initial release' 
_pdbx_audit_revision_details.description         ? 
_pdbx_audit_revision_details.details             ? 
# 
loop_
_pdbx_audit_revision_group.ordinal 
_pdbx_audit_revision_group.revision_ordinal 
_pdbx_audit_revision_group.data_content_type 
_pdbx_audit_revision_group.group 
1 2 'Structure model' 'Version format compliance' 
2 3 'Structure model' 'Version format compliance' 
3 4 'Structure model' 'Data collection'           
4 4 'Structure model' 'Database references'       
5 4 'Structure model' 'Derived calculations'      
6 5 'Structure model' 'Data collection'           
7 6 'Structure model' 'Structure summary'         
# 
loop_
_pdbx_audit_revision_category.ordinal 
_pdbx_audit_revision_category.revision_ordinal 
_pdbx_audit_revision_category.data_content_type 
_pdbx_audit_revision_category.category 
1 4 'Structure model' database_2                
2 4 'Structure model' pdbx_nmr_software         
3 4 'Structure model' pdbx_struct_assembly      
4 4 'Structure model' pdbx_struct_oper_list     
5 5 'Structure model' chem_comp_atom            
6 5 'Structure model' chem_comp_bond            
7 6 'Structure model' pdbx_entry_details        
8 6 'Structure model' pdbx_modification_feature 
# 
loop_
_pdbx_audit_revision_item.ordinal 
_pdbx_audit_revision_item.revision_ordinal 
_pdbx_audit_revision_item.data_content_type 
_pdbx_audit_revision_item.item 
1 4 'Structure model' '_database_2.pdbx_DOI'                
2 4 'Structure model' '_database_2.pdbx_database_accession' 
3 4 'Structure model' '_pdbx_nmr_software.name'             
# 
_pdbx_database_status.status_code                     REL 
_pdbx_database_status.entry_id                        1C56 
_pdbx_database_status.recvd_initial_deposition_date   1999-10-25 
_pdbx_database_status.deposit_site                    RCSB 
_pdbx_database_status.process_site                    RCSB 
_pdbx_database_status.SG_entry                        . 
_pdbx_database_status.pdb_format_compatible           Y 
_pdbx_database_status.status_code_mr                  ? 
_pdbx_database_status.status_code_sf                  ? 
_pdbx_database_status.status_code_cs                  ? 
_pdbx_database_status.status_code_nmr_data            ? 
_pdbx_database_status.methods_development_category    ? 
# 
_pdbx_database_related.db_name        PDB 
_pdbx_database_related.db_id          1C55 
_pdbx_database_related.details        'NMR STRUCTURE OF BUTANTOXIN (35 STRUCTURES)' 
_pdbx_database_related.content_type   unspecified 
# 
loop_
_audit_author.name 
_audit_author.pdbx_ordinal 
'Holaday Jr., S.K.'  1 
'Martin, B.M.'       2 
'Fletcher Jr., P.L.' 3 
'Krishna, N.R.'      4 
# 
_citation.id                        primary 
_citation.title                     'NMR solution structure of butantoxin.' 
_citation.journal_abbrev            Arch.Biochem.Biophys. 
_citation.journal_volume            379 
_citation.page_first                18 
_citation.page_last                 27 
_citation.year                      2000 
_citation.journal_id_ASTM           ABBIA4 
_citation.country                   US 
_citation.journal_id_ISSN           0003-9861 
_citation.journal_id_CSD            0158 
_citation.book_publisher            ? 
_citation.pdbx_database_id_PubMed   10864437 
_citation.pdbx_database_id_DOI      10.1006/abbi.2000.1858 
# 
loop_
_citation_author.citation_id 
_citation_author.name 
_citation_author.ordinal 
_citation_author.identifier_ORCID 
primary 'Holaday Jr., S.K.'  1 ? 
primary 'Martin, B.M.'       2 ? 
primary 'Fletcher Jr., P.L.' 3 ? 
primary 'Krishna, N.R.'      4 ? 
# 
_entity.id                         1 
_entity.type                       polymer 
_entity.src_method                 nat 
_entity.pdbx_description           BUTANTOXIN 
_entity.formula_weight             4521.282 
_entity.pdbx_number_of_molecules   1 
_entity.pdbx_ec                    ? 
_entity.pdbx_mutation              ? 
_entity.pdbx_fragment              ? 
_entity.details                    ? 
# 
_entity_poly.entity_id                      1 
_entity_poly.type                           'polypeptide(L)' 
_entity_poly.nstd_linkage                   no 
_entity_poly.nstd_monomer                   no 
_entity_poly.pdbx_seq_one_letter_code       WCSTCLDLACGASRECYDPCFKAFGRAHGKCMNNKCRCYT 
_entity_poly.pdbx_seq_one_letter_code_can   WCSTCLDLACGASRECYDPCFKAFGRAHGKCMNNKCRCYT 
_entity_poly.pdbx_strand_id                 A 
_entity_poly.pdbx_target_identifier         ? 
# 
loop_
_entity_poly_seq.entity_id 
_entity_poly_seq.num 
_entity_poly_seq.mon_id 
_entity_poly_seq.hetero 
1 1  TRP n 
1 2  CYS n 
1 3  SER n 
1 4  THR n 
1 5  CYS n 
1 6  LEU n 
1 7  ASP n 
1 8  LEU n 
1 9  ALA n 
1 10 CYS n 
1 11 GLY n 
1 12 ALA n 
1 13 SER n 
1 14 ARG n 
1 15 GLU n 
1 16 CYS n 
1 17 TYR n 
1 18 ASP n 
1 19 PRO n 
1 20 CYS n 
1 21 PHE n 
1 22 LYS n 
1 23 ALA n 
1 24 PHE n 
1 25 GLY n 
1 26 ARG n 
1 27 ALA n 
1 28 HIS n 
1 29 GLY n 
1 30 LYS n 
1 31 CYS n 
1 32 MET n 
1 33 ASN n 
1 34 ASN n 
1 35 LYS n 
1 36 CYS n 
1 37 ARG n 
1 38 CYS n 
1 39 TYR n 
1 40 THR n 
# 
_entity_src_nat.entity_id                  1 
_entity_src_nat.pdbx_src_id                1 
_entity_src_nat.pdbx_alt_source_flag       sample 
_entity_src_nat.pdbx_beg_seq_num           ? 
_entity_src_nat.pdbx_end_seq_num           ? 
_entity_src_nat.common_name                'Brazilian scorpion' 
_entity_src_nat.pdbx_organism_scientific   'Tityus serrulatus' 
_entity_src_nat.pdbx_ncbi_taxonomy_id      6887 
_entity_src_nat.genus                      Tityus 
_entity_src_nat.species                    ? 
_entity_src_nat.strain                     ? 
_entity_src_nat.tissue                     VENOM 
_entity_src_nat.tissue_fraction            ? 
_entity_src_nat.pdbx_secretion             ? 
_entity_src_nat.pdbx_fragment              ? 
_entity_src_nat.pdbx_variant               ? 
_entity_src_nat.pdbx_cell_line             ? 
_entity_src_nat.pdbx_atcc                  ? 
_entity_src_nat.pdbx_cellular_location     ? 
_entity_src_nat.pdbx_organ                 ? 
_entity_src_nat.pdbx_organelle             ? 
_entity_src_nat.pdbx_cell                  ? 
_entity_src_nat.pdbx_plasmid_name          ? 
_entity_src_nat.pdbx_plasmid_details       ? 
_entity_src_nat.details                    ? 
# 
loop_
_chem_comp.id 
_chem_comp.type 
_chem_comp.mon_nstd_flag 
_chem_comp.name 
_chem_comp.pdbx_synonyms 
_chem_comp.formula 
_chem_comp.formula_weight 
ALA 'L-peptide linking' y ALANINE         ? 'C3 H7 N O2'     89.093  
ARG 'L-peptide linking' y ARGININE        ? 'C6 H15 N4 O2 1' 175.209 
ASN 'L-peptide linking' y ASPARAGINE      ? 'C4 H8 N2 O3'    132.118 
ASP 'L-peptide linking' y 'ASPARTIC ACID' ? 'C4 H7 N O4'     133.103 
CYS 'L-peptide linking' y CYSTEINE        ? 'C3 H7 N O2 S'   121.158 
GLU 'L-peptide linking' y 'GLUTAMIC ACID' ? 'C5 H9 N O4'     147.129 
GLY 'peptide linking'   y GLYCINE         ? 'C2 H5 N O2'     75.067  
HIS 'L-peptide linking' y HISTIDINE       ? 'C6 H10 N3 O2 1' 156.162 
LEU 'L-peptide linking' y LEUCINE         ? 'C6 H13 N O2'    131.173 
LYS 'L-peptide linking' y LYSINE          ? 'C6 H15 N2 O2 1' 147.195 
MET 'L-peptide linking' y METHIONINE      ? 'C5 H11 N O2 S'  149.211 
PHE 'L-peptide linking' y PHENYLALANINE   ? 'C9 H11 N O2'    165.189 
PRO 'L-peptide linking' y PROLINE         ? 'C5 H9 N O2'     115.130 
SER 'L-peptide linking' y SERINE          ? 'C3 H7 N O3'     105.093 
THR 'L-peptide linking' y THREONINE       ? 'C4 H9 N O3'     119.119 
TRP 'L-peptide linking' y TRYPTOPHAN      ? 'C11 H12 N2 O2'  204.225 
TYR 'L-peptide linking' y TYROSINE        ? 'C9 H11 N O3'    181.189 
# 
loop_
_pdbx_poly_seq_scheme.asym_id 
_pdbx_poly_seq_scheme.entity_id 
_pdbx_poly_seq_scheme.seq_id 
_pdbx_poly_seq_scheme.mon_id 
_pdbx_poly_seq_scheme.ndb_seq_num 
_pdbx_poly_seq_scheme.pdb_seq_num 
_pdbx_poly_seq_scheme.auth_seq_num 
_pdbx_poly_seq_scheme.pdb_mon_id 
_pdbx_poly_seq_scheme.auth_mon_id 
_pdbx_poly_seq_scheme.pdb_strand_id 
_pdbx_poly_seq_scheme.pdb_ins_code 
_pdbx_poly_seq_scheme.hetero 
A 1 1  TRP 1  1  1  TRP TRP A . n 
A 1 2  CYS 2  2  2  CYS CYS A . n 
A 1 3  SER 3  3  3  SER SER A . n 
A 1 4  THR 4  4  4  THR THR A . n 
A 1 5  CYS 5  5  5  CYS CYS A . n 
A 1 6  LEU 6  6  6  LEU LEU A . n 
A 1 7  ASP 7  7  7  ASP ASP A . n 
A 1 8  LEU 8  8  8  LEU LEU A . n 
A 1 9  ALA 9  9  9  ALA ALA A . n 
A 1 10 CYS 10 10 10 CYS CYS A . n 
A 1 11 GLY 11 11 11 GLY GLY A . n 
A 1 12 ALA 12 12 12 ALA ALA A . n 
A 1 13 SER 13 13 13 SER SER A . n 
A 1 14 ARG 14 14 14 ARG ARG A . n 
A 1 15 GLU 15 15 15 GLU GLU A . n 
A 1 16 CYS 16 16 16 CYS CYS A . n 
A 1 17 TYR 17 17 17 TYR TYR A . n 
A 1 18 ASP 18 18 18 ASP ASP A . n 
A 1 19 PRO 19 19 19 PRO PRO A . n 
A 1 20 CYS 20 20 20 CYS CYS A . n 
A 1 21 PHE 21 21 21 PHE PHE A . n 
A 1 22 LYS 22 22 22 LYS LYS A . n 
A 1 23 ALA 23 23 23 ALA ALA A . n 
A 1 24 PHE 24 24 24 PHE PHE A . n 
A 1 25 GLY 25 25 25 GLY GLY A . n 
A 1 26 ARG 26 26 26 ARG ARG A . n 
A 1 27 ALA 27 27 27 ALA ALA A . n 
A 1 28 HIS 28 28 28 HIS HIS A . n 
A 1 29 GLY 29 29 29 GLY GLY A . n 
A 1 30 LYS 30 30 30 LYS LYS A . n 
A 1 31 CYS 31 31 31 CYS CYS A . n 
A 1 32 MET 32 32 32 MET MET A . n 
A 1 33 ASN 33 33 33 ASN ASN A . n 
A 1 34 ASN 34 34 34 ASN ASN A . n 
A 1 35 LYS 35 35 35 LYS LYS A . n 
A 1 36 CYS 36 36 36 CYS CYS A . n 
A 1 37 ARG 37 37 37 ARG ARG A . n 
A 1 38 CYS 38 38 38 CYS CYS A . n 
A 1 39 TYR 39 39 39 TYR TYR A . n 
A 1 40 THR 40 40 40 THR THR A . n 
# 
_cell.entry_id           1C56 
_cell.length_a           1.000 
_cell.length_b           1.000 
_cell.length_c           1.000 
_cell.angle_alpha        90.00 
_cell.angle_beta         90.00 
_cell.angle_gamma        90.00 
_cell.Z_PDB              1 
_cell.pdbx_unique_axis   ? 
# 
_symmetry.entry_id                         1C56 
_symmetry.space_group_name_H-M             'P 1' 
_symmetry.pdbx_full_space_group_name_H-M   ? 
_symmetry.cell_setting                     ? 
_symmetry.Int_Tables_number                1 
# 
_exptl.entry_id          1C56 
_exptl.method            'SOLUTION NMR' 
_exptl.crystals_number   ? 
# 
_struct.entry_id                  1C56 
_struct.title                     'NMR SOLUTION STRUCTURE OF BUTANTOXIN' 
_struct.pdbx_model_details        ? 
_struct.pdbx_CASP_flag            ? 
_struct.pdbx_model_type_details   ? 
# 
_struct_keywords.entry_id        1C56 
_struct_keywords.pdbx_keywords   TOXIN 
_struct_keywords.text            'BUTANTOXIN, TOXIN' 
# 
_struct_asym.id                            A 
_struct_asym.pdbx_blank_PDB_chainid_flag   N 
_struct_asym.pdbx_modified                 N 
_struct_asym.entity_id                     1 
_struct_asym.details                       ? 
# 
_struct_ref.id                         1 
_struct_ref.db_name                    UNP 
_struct_ref.db_code                    SCK4_TITSE 
_struct_ref.pdbx_db_accession          P59936 
_struct_ref.entity_id                  1 
_struct_ref.pdbx_align_begin           1 
_struct_ref.pdbx_db_isoform            ? 
_struct_ref.pdbx_seq_one_letter_code   ? 
# 
_struct_ref_seq.align_id                      1 
_struct_ref_seq.ref_id                        1 
_struct_ref_seq.pdbx_PDB_id_code              1C56 
_struct_ref_seq.pdbx_strand_id                A 
_struct_ref_seq.seq_align_beg                 1 
_struct_ref_seq.pdbx_seq_align_beg_ins_code   ? 
_struct_ref_seq.seq_align_end                 40 
_struct_ref_seq.pdbx_seq_align_end_ins_code   ? 
_struct_ref_seq.pdbx_db_accession             P59936 
_struct_ref_seq.db_align_beg                  1 
_struct_ref_seq.pdbx_db_align_beg_ins_code    ? 
_struct_ref_seq.db_align_end                  40 
_struct_ref_seq.pdbx_db_align_end_ins_code    ? 
_struct_ref_seq.pdbx_auth_seq_align_beg       1 
_struct_ref_seq.pdbx_auth_seq_align_end       40 
# 
_pdbx_struct_assembly.id                   1 
_pdbx_struct_assembly.details              author_defined_assembly 
_pdbx_struct_assembly.method_details       ? 
_pdbx_struct_assembly.oligomeric_details   monomeric 
_pdbx_struct_assembly.oligomeric_count     1 
# 
_pdbx_struct_assembly_gen.assembly_id       1 
_pdbx_struct_assembly_gen.oper_expression   1 
_pdbx_struct_assembly_gen.asym_id_list      A 
# 
_pdbx_struct_oper_list.id                   1 
_pdbx_struct_oper_list.type                 'identity operation' 
_pdbx_struct_oper_list.name                 1_555 
_pdbx_struct_oper_list.symmetry_operation   x,y,z 
_pdbx_struct_oper_list.matrix[1][1]         1.0000000000 
_pdbx_struct_oper_list.matrix[1][2]         0.0000000000 
_pdbx_struct_oper_list.matrix[1][3]         0.0000000000 
_pdbx_struct_oper_list.vector[1]            0.0000000000 
_pdbx_struct_oper_list.matrix[2][1]         0.0000000000 
_pdbx_struct_oper_list.matrix[2][2]         1.0000000000 
_pdbx_struct_oper_list.matrix[2][3]         0.0000000000 
_pdbx_struct_oper_list.vector[2]            0.0000000000 
_pdbx_struct_oper_list.matrix[3][1]         0.0000000000 
_pdbx_struct_oper_list.matrix[3][2]         0.0000000000 
_pdbx_struct_oper_list.matrix[3][3]         1.0000000000 
_pdbx_struct_oper_list.vector[3]            0.0000000000 
# 
_struct_biol.id   1 
# 
_struct_conf.conf_type_id            HELX_P 
_struct_conf.id                      HELX_P1 
_struct_conf.pdbx_PDB_helix_id       1 
_struct_conf.beg_label_comp_id       SER 
_struct_conf.beg_label_asym_id       A 
_struct_conf.beg_label_seq_id        13 
_struct_conf.pdbx_beg_PDB_ins_code   ? 
_struct_conf.end_label_comp_id       ALA 
_struct_conf.end_label_asym_id       A 
_struct_conf.end_label_seq_id        23 
_struct_conf.pdbx_end_PDB_ins_code   ? 
_struct_conf.beg_auth_comp_id        SER 
_struct_conf.beg_auth_asym_id        A 
_struct_conf.beg_auth_seq_id         13 
_struct_conf.end_auth_comp_id        ALA 
_struct_conf.end_auth_asym_id        A 
_struct_conf.end_auth_seq_id         23 
_struct_conf.pdbx_PDB_helix_class    1 
_struct_conf.details                 ? 
_struct_conf.pdbx_PDB_helix_length   11 
# 
_struct_conf_type.id          HELX_P 
_struct_conf_type.criteria    ? 
_struct_conf_type.reference   ? 
# 
loop_
_struct_conn.id 
_struct_conn.conn_type_id 
_struct_conn.pdbx_leaving_atom_flag 
_struct_conn.pdbx_PDB_id 
_struct_conn.ptnr1_label_asym_id 
_struct_conn.ptnr1_label_comp_id 
_struct_conn.ptnr1_label_seq_id 
_struct_conn.ptnr1_label_atom_id 
_struct_conn.pdbx_ptnr1_label_alt_id 
_struct_conn.pdbx_ptnr1_PDB_ins_code 
_struct_conn.pdbx_ptnr1_standard_comp_id 
_struct_conn.ptnr1_symmetry 
_struct_conn.ptnr2_label_asym_id 
_struct_conn.ptnr2_label_comp_id 
_struct_conn.ptnr2_label_seq_id 
_struct_conn.ptnr2_label_atom_id 
_struct_conn.pdbx_ptnr2_label_alt_id 
_struct_conn.pdbx_ptnr2_PDB_ins_code 
_struct_conn.ptnr1_auth_asym_id 
_struct_conn.ptnr1_auth_comp_id 
_struct_conn.ptnr1_auth_seq_id 
_struct_conn.ptnr2_auth_asym_id 
_struct_conn.ptnr2_auth_comp_id 
_struct_conn.ptnr2_auth_seq_id 
_struct_conn.ptnr2_symmetry 
_struct_conn.pdbx_ptnr3_label_atom_id 
_struct_conn.pdbx_ptnr3_label_seq_id 
_struct_conn.pdbx_ptnr3_label_comp_id 
_struct_conn.pdbx_ptnr3_label_asym_id 
_struct_conn.pdbx_ptnr3_label_alt_id 
_struct_conn.pdbx_ptnr3_PDB_ins_code 
_struct_conn.details 
_struct_conn.pdbx_dist_value 
_struct_conn.pdbx_value_order 
_struct_conn.pdbx_role 
disulf1 disulf ? ? A CYS 2  SG ? ? ? 1_555 A CYS 5  SG ? ? A CYS 2  A CYS 5  1_555 ? ? ? ? ? ? ? 2.020 ? ? 
disulf2 disulf ? ? A CYS 10 SG ? ? ? 1_555 A CYS 31 SG ? ? A CYS 10 A CYS 31 1_555 ? ? ? ? ? ? ? 2.020 ? ? 
disulf3 disulf ? ? A CYS 16 SG ? ? ? 1_555 A CYS 36 SG ? ? A CYS 16 A CYS 36 1_555 ? ? ? ? ? ? ? 2.019 ? ? 
disulf4 disulf ? ? A CYS 20 SG ? ? ? 1_555 A CYS 38 SG ? ? A CYS 20 A CYS 38 1_555 ? ? ? ? ? ? ? 2.020 ? ? 
# 
_struct_conn_type.id          disulf 
_struct_conn_type.criteria    ? 
_struct_conn_type.reference   ? 
# 
loop_
_pdbx_modification_feature.ordinal 
_pdbx_modification_feature.label_comp_id 
_pdbx_modification_feature.label_asym_id 
_pdbx_modification_feature.label_seq_id 
_pdbx_modification_feature.label_alt_id 
_pdbx_modification_feature.modified_residue_label_comp_id 
_pdbx_modification_feature.modified_residue_label_asym_id 
_pdbx_modification_feature.modified_residue_label_seq_id 
_pdbx_modification_feature.modified_residue_label_alt_id 
_pdbx_modification_feature.auth_comp_id 
_pdbx_modification_feature.auth_asym_id 
_pdbx_modification_feature.auth_seq_id 
_pdbx_modification_feature.PDB_ins_code 
_pdbx_modification_feature.symmetry 
_pdbx_modification_feature.modified_residue_auth_comp_id 
_pdbx_modification_feature.modified_residue_auth_asym_id 
_pdbx_modification_feature.modified_residue_auth_seq_id 
_pdbx_modification_feature.modified_residue_PDB_ins_code 
_pdbx_modification_feature.modified_residue_symmetry 
_pdbx_modification_feature.comp_id_linking_atom 
_pdbx_modification_feature.modified_residue_id_linking_atom 
_pdbx_modification_feature.modified_residue_id 
_pdbx_modification_feature.ref_pcm_id 
_pdbx_modification_feature.ref_comp_id 
_pdbx_modification_feature.type 
_pdbx_modification_feature.category 
1 CYS A 2  ? CYS A 5  ? CYS A 2  ? 1_555 CYS A 5  ? 1_555 SG SG . . . None 'Disulfide bridge' 
2 CYS A 10 ? CYS A 31 ? CYS A 10 ? 1_555 CYS A 31 ? 1_555 SG SG . . . None 'Disulfide bridge' 
3 CYS A 16 ? CYS A 36 ? CYS A 16 ? 1_555 CYS A 36 ? 1_555 SG SG . . . None 'Disulfide bridge' 
4 CYS A 20 ? CYS A 38 ? CYS A 20 ? 1_555 CYS A 38 ? 1_555 SG SG . . . None 'Disulfide bridge' 
# 
_struct_sheet.id               A 
_struct_sheet.type             ? 
_struct_sheet.number_strands   2 
_struct_sheet.details          ? 
# 
_struct_sheet_order.sheet_id     A 
_struct_sheet_order.range_id_1   1 
_struct_sheet_order.range_id_2   2 
_struct_sheet_order.offset       ? 
_struct_sheet_order.sense        anti-parallel 
# 
loop_
_struct_sheet_range.sheet_id 
_struct_sheet_range.id 
_struct_sheet_range.beg_label_comp_id 
_struct_sheet_range.beg_label_asym_id 
_struct_sheet_range.beg_label_seq_id 
_struct_sheet_range.pdbx_beg_PDB_ins_code 
_struct_sheet_range.end_label_comp_id 
_struct_sheet_range.end_label_asym_id 
_struct_sheet_range.end_label_seq_id 
_struct_sheet_range.pdbx_end_PDB_ins_code 
_struct_sheet_range.beg_auth_comp_id 
_struct_sheet_range.beg_auth_asym_id 
_struct_sheet_range.beg_auth_seq_id 
_struct_sheet_range.end_auth_comp_id 
_struct_sheet_range.end_auth_asym_id 
_struct_sheet_range.end_auth_seq_id 
A 1 GLY A 29 ? MET A 32 ? GLY A 29 MET A 32 
A 2 LYS A 35 ? CYS A 38 ? LYS A 35 CYS A 38 
# 
_pdbx_struct_sheet_hbond.sheet_id                A 
_pdbx_struct_sheet_hbond.range_id_1              1 
_pdbx_struct_sheet_hbond.range_id_2              2 
_pdbx_struct_sheet_hbond.range_1_label_atom_id   O 
_pdbx_struct_sheet_hbond.range_1_label_comp_id   LYS 
_pdbx_struct_sheet_hbond.range_1_label_asym_id   A 
_pdbx_struct_sheet_hbond.range_1_label_seq_id    30 
_pdbx_struct_sheet_hbond.range_1_PDB_ins_code    ? 
_pdbx_struct_sheet_hbond.range_1_auth_atom_id    O 
_pdbx_struct_sheet_hbond.range_1_auth_comp_id    LYS 
_pdbx_struct_sheet_hbond.range_1_auth_asym_id    A 
_pdbx_struct_sheet_hbond.range_1_auth_seq_id     30 
_pdbx_struct_sheet_hbond.range_2_label_atom_id   N 
_pdbx_struct_sheet_hbond.range_2_label_comp_id   ARG 
_pdbx_struct_sheet_hbond.range_2_label_asym_id   A 
_pdbx_struct_sheet_hbond.range_2_label_seq_id    37 
_pdbx_struct_sheet_hbond.range_2_PDB_ins_code    ? 
_pdbx_struct_sheet_hbond.range_2_auth_atom_id    N 
_pdbx_struct_sheet_hbond.range_2_auth_comp_id    ARG 
_pdbx_struct_sheet_hbond.range_2_auth_asym_id    A 
_pdbx_struct_sheet_hbond.range_2_auth_seq_id     37 
# 
_pdbx_entry_details.entry_id                   1C56 
_pdbx_entry_details.compound_details           ? 
_pdbx_entry_details.source_details             ? 
_pdbx_entry_details.nonpolymer_details         ? 
_pdbx_entry_details.sequence_details           ? 
_pdbx_entry_details.has_ligand_of_interest     ? 
_pdbx_entry_details.has_protein_modification   Y 
# 
_pdbx_validate_close_contact.id               1 
_pdbx_validate_close_contact.PDB_model_num    1 
_pdbx_validate_close_contact.auth_atom_id_1   H 
_pdbx_validate_close_contact.auth_asym_id_1   A 
_pdbx_validate_close_contact.auth_comp_id_1   MET 
_pdbx_validate_close_contact.auth_seq_id_1    32 
_pdbx_validate_close_contact.PDB_ins_code_1   ? 
_pdbx_validate_close_contact.label_alt_id_1   ? 
_pdbx_validate_close_contact.auth_atom_id_2   O 
_pdbx_validate_close_contact.auth_asym_id_2   A 
_pdbx_validate_close_contact.auth_comp_id_2   LYS 
_pdbx_validate_close_contact.auth_seq_id_2    35 
_pdbx_validate_close_contact.PDB_ins_code_2   ? 
_pdbx_validate_close_contact.label_alt_id_2   ? 
_pdbx_validate_close_contact.dist             1.59 
# 
loop_
_pdbx_validate_torsion.id 
_pdbx_validate_torsion.PDB_model_num 
_pdbx_validate_torsion.auth_comp_id 
_pdbx_validate_torsion.auth_asym_id 
_pdbx_validate_torsion.auth_seq_id 
_pdbx_validate_torsion.PDB_ins_code 
_pdbx_validate_torsion.label_alt_id 
_pdbx_validate_torsion.phi 
_pdbx_validate_torsion.psi 
1 1 CYS A 10 ? ? -77.35 -164.01 
2 1 ASN A 34 ? ? 58.88  16.13   
# 
_pdbx_nmr_ensemble.entry_id                                      1C56 
_pdbx_nmr_ensemble.conformers_calculated_total_number            100 
_pdbx_nmr_ensemble.conformers_submitted_total_number             1 
_pdbx_nmr_ensemble.conformer_selection_criteria                  'LEAST RESTRAINT VIOLATION' 
_pdbx_nmr_ensemble.average_constraints_per_residue               ? 
_pdbx_nmr_ensemble.average_constraint_violations_per_residue     ? 
_pdbx_nmr_ensemble.maximum_distance_constraint_violation         ? 
_pdbx_nmr_ensemble.average_distance_constraint_violation         ? 
_pdbx_nmr_ensemble.maximum_upper_distance_constraint_violation   ? 
_pdbx_nmr_ensemble.maximum_lower_distance_constraint_violation   ? 
_pdbx_nmr_ensemble.distance_constraint_violation_method          ? 
_pdbx_nmr_ensemble.maximum_torsion_angle_constraint_violation    ? 
_pdbx_nmr_ensemble.average_torsion_angle_constraint_violation    ? 
_pdbx_nmr_ensemble.torsion_angle_constraint_violation_method     ? 
# 
_pdbx_nmr_sample_details.solution_id      1 
_pdbx_nmr_sample_details.contents         '90% WATER/10% D2O' 
_pdbx_nmr_sample_details.solvent_system   ? 
# 
_pdbx_nmr_exptl_sample_conditions.conditions_id       1 
_pdbx_nmr_exptl_sample_conditions.temperature         293 
_pdbx_nmr_exptl_sample_conditions.pressure            1 
_pdbx_nmr_exptl_sample_conditions.pH                  5.0 
_pdbx_nmr_exptl_sample_conditions.ionic_strength      50 
_pdbx_nmr_exptl_sample_conditions.pressure_units      atm 
_pdbx_nmr_exptl_sample_conditions.temperature_units   K 
# 
loop_
_pdbx_nmr_exptl.experiment_id 
_pdbx_nmr_exptl.conditions_id 
_pdbx_nmr_exptl.type 
_pdbx_nmr_exptl.solution_id 
1 1 COSY     1 
2 1 DQF-COSY 1 
3 1 NOESY    1 
4 1 TOCSY    1 
# 
_pdbx_nmr_details.entry_id   1C56 
_pdbx_nmr_details.text       'AVERAGE STRUCTURE' 
# 
_pdbx_nmr_refine.entry_id           1C56 
_pdbx_nmr_refine.method             'distance geometry' 
_pdbx_nmr_refine.details            ? 
_pdbx_nmr_refine.software_ordinal   1 
# 
loop_
_pdbx_nmr_software.classification 
_pdbx_nmr_software.name 
_pdbx_nmr_software.version 
_pdbx_nmr_software.authors 
_pdbx_nmr_software.ordinal 
refinement           X-PLOR 3.8  BRUNGER 1 
'structure solution' Felix  97.2 ?       2 
# 
loop_
_chem_comp_atom.comp_id 
_chem_comp_atom.atom_id 
_chem_comp_atom.type_symbol 
_chem_comp_atom.pdbx_aromatic_flag 
_chem_comp_atom.pdbx_stereo_config 
_chem_comp_atom.pdbx_ordinal 
ALA N    N N N 1   
ALA CA   C N S 2   
ALA C    C N N 3   
ALA O    O N N 4   
ALA CB   C N N 5   
ALA OXT  O N N 6   
ALA H    H N N 7   
ALA H2   H N N 8   
ALA HA   H N N 9   
ALA HB1  H N N 10  
ALA HB2  H N N 11  
ALA HB3  H N N 12  
ALA HXT  H N N 13  
ARG N    N N N 14  
ARG CA   C N S 15  
ARG C    C N N 16  
ARG O    O N N 17  
ARG CB   C N N 18  
ARG CG   C N N 19  
ARG CD   C N N 20  
ARG NE   N N N 21  
ARG CZ   C N N 22  
ARG NH1  N N N 23  
ARG NH2  N N N 24  
ARG OXT  O N N 25  
ARG H    H N N 26  
ARG H2   H N N 27  
ARG HA   H N N 28  
ARG HB2  H N N 29  
ARG HB3  H N N 30  
ARG HG2  H N N 31  
ARG HG3  H N N 32  
ARG HD2  H N N 33  
ARG HD3  H N N 34  
ARG HE   H N N 35  
ARG HH11 H N N 36  
ARG HH12 H N N 37  
ARG HH21 H N N 38  
ARG HH22 H N N 39  
ARG HXT  H N N 40  
ASN N    N N N 41  
ASN CA   C N S 42  
ASN C    C N N 43  
ASN O    O N N 44  
ASN CB   C N N 45  
ASN CG   C N N 46  
ASN OD1  O N N 47  
ASN ND2  N N N 48  
ASN OXT  O N N 49  
ASN H    H N N 50  
ASN H2   H N N 51  
ASN HA   H N N 52  
ASN HB2  H N N 53  
ASN HB3  H N N 54  
ASN HD21 H N N 55  
ASN HD22 H N N 56  
ASN HXT  H N N 57  
ASP N    N N N 58  
ASP CA   C N S 59  
ASP C    C N N 60  
ASP O    O N N 61  
ASP CB   C N N 62  
ASP CG   C N N 63  
ASP OD1  O N N 64  
ASP OD2  O N N 65  
ASP OXT  O N N 66  
ASP H    H N N 67  
ASP H2   H N N 68  
ASP HA   H N N 69  
ASP HB2  H N N 70  
ASP HB3  H N N 71  
ASP HD2  H N N 72  
ASP HXT  H N N 73  
CYS N    N N N 74  
CYS CA   C N R 75  
CYS C    C N N 76  
CYS O    O N N 77  
CYS CB   C N N 78  
CYS SG   S N N 79  
CYS OXT  O N N 80  
CYS H    H N N 81  
CYS H2   H N N 82  
CYS HA   H N N 83  
CYS HB2  H N N 84  
CYS HB3  H N N 85  
CYS HG   H N N 86  
CYS HXT  H N N 87  
GLU N    N N N 88  
GLU CA   C N S 89  
GLU C    C N N 90  
GLU O    O N N 91  
GLU CB   C N N 92  
GLU CG   C N N 93  
GLU CD   C N N 94  
GLU OE1  O N N 95  
GLU OE2  O N N 96  
GLU OXT  O N N 97  
GLU H    H N N 98  
GLU H2   H N N 99  
GLU HA   H N N 100 
GLU HB2  H N N 101 
GLU HB3  H N N 102 
GLU HG2  H N N 103 
GLU HG3  H N N 104 
GLU HE2  H N N 105 
GLU HXT  H N N 106 
GLY N    N N N 107 
GLY CA   C N N 108 
GLY C    C N N 109 
GLY O    O N N 110 
GLY OXT  O N N 111 
GLY H    H N N 112 
GLY H2   H N N 113 
GLY HA2  H N N 114 
GLY HA3  H N N 115 
GLY HXT  H N N 116 
HIS N    N N N 117 
HIS CA   C N S 118 
HIS C    C N N 119 
HIS O    O N N 120 
HIS CB   C N N 121 
HIS CG   C Y N 122 
HIS ND1  N Y N 123 
HIS CD2  C Y N 124 
HIS CE1  C Y N 125 
HIS NE2  N Y N 126 
HIS OXT  O N N 127 
HIS H    H N N 128 
HIS H2   H N N 129 
HIS HA   H N N 130 
HIS HB2  H N N 131 
HIS HB3  H N N 132 
HIS HD1  H N N 133 
HIS HD2  H N N 134 
HIS HE1  H N N 135 
HIS HE2  H N N 136 
HIS HXT  H N N 137 
LEU N    N N N 138 
LEU CA   C N S 139 
LEU C    C N N 140 
LEU O    O N N 141 
LEU CB   C N N 142 
LEU CG   C N N 143 
LEU CD1  C N N 144 
LEU CD2  C N N 145 
LEU OXT  O N N 146 
LEU H    H N N 147 
LEU H2   H N N 148 
LEU HA   H N N 149 
LEU HB2  H N N 150 
LEU HB3  H N N 151 
LEU HG   H N N 152 
LEU HD11 H N N 153 
LEU HD12 H N N 154 
LEU HD13 H N N 155 
LEU HD21 H N N 156 
LEU HD22 H N N 157 
LEU HD23 H N N 158 
LEU HXT  H N N 159 
LYS N    N N N 160 
LYS CA   C N S 161 
LYS C    C N N 162 
LYS O    O N N 163 
LYS CB   C N N 164 
LYS CG   C N N 165 
LYS CD   C N N 166 
LYS CE   C N N 167 
LYS NZ   N N N 168 
LYS OXT  O N N 169 
LYS H    H N N 170 
LYS H2   H N N 171 
LYS HA   H N N 172 
LYS HB2  H N N 173 
LYS HB3  H N N 174 
LYS HG2  H N N 175 
LYS HG3  H N N 176 
LYS HD2  H N N 177 
LYS HD3  H N N 178 
LYS HE2  H N N 179 
LYS HE3  H N N 180 
LYS HZ1  H N N 181 
LYS HZ2  H N N 182 
LYS HZ3  H N N 183 
LYS HXT  H N N 184 
MET N    N N N 185 
MET CA   C N S 186 
MET C    C N N 187 
MET O    O N N 188 
MET CB   C N N 189 
MET CG   C N N 190 
MET SD   S N N 191 
MET CE   C N N 192 
MET OXT  O N N 193 
MET H    H N N 194 
MET H2   H N N 195 
MET HA   H N N 196 
MET HB2  H N N 197 
MET HB3  H N N 198 
MET HG2  H N N 199 
MET HG3  H N N 200 
MET HE1  H N N 201 
MET HE2  H N N 202 
MET HE3  H N N 203 
MET HXT  H N N 204 
PHE N    N N N 205 
PHE CA   C N S 206 
PHE C    C N N 207 
PHE O    O N N 208 
PHE CB   C N N 209 
PHE CG   C Y N 210 
PHE CD1  C Y N 211 
PHE CD2  C Y N 212 
PHE CE1  C Y N 213 
PHE CE2  C Y N 214 
PHE CZ   C Y N 215 
PHE OXT  O N N 216 
PHE H    H N N 217 
PHE H2   H N N 218 
PHE HA   H N N 219 
PHE HB2  H N N 220 
PHE HB3  H N N 221 
PHE HD1  H N N 222 
PHE HD2  H N N 223 
PHE HE1  H N N 224 
PHE HE2  H N N 225 
PHE HZ   H N N 226 
PHE HXT  H N N 227 
PRO N    N N N 228 
PRO CA   C N S 229 
PRO C    C N N 230 
PRO O    O N N 231 
PRO CB   C N N 232 
PRO CG   C N N 233 
PRO CD   C N N 234 
PRO OXT  O N N 235 
PRO H    H N N 236 
PRO HA   H N N 237 
PRO HB2  H N N 238 
PRO HB3  H N N 239 
PRO HG2  H N N 240 
PRO HG3  H N N 241 
PRO HD2  H N N 242 
PRO HD3  H N N 243 
PRO HXT  H N N 244 
SER N    N N N 245 
SER CA   C N S 246 
SER C    C N N 247 
SER O    O N N 248 
SER CB   C N N 249 
SER OG   O N N 250 
SER OXT  O N N 251 
SER H    H N N 252 
SER H2   H N N 253 
SER HA   H N N 254 
SER HB2  H N N 255 
SER HB3  H N N 256 
SER HG   H N N 257 
SER HXT  H N N 258 
THR N    N N N 259 
THR CA   C N S 260 
THR C    C N N 261 
THR O    O N N 262 
THR CB   C N R 263 
THR OG1  O N N 264 
THR CG2  C N N 265 
THR OXT  O N N 266 
THR H    H N N 267 
THR H2   H N N 268 
THR HA   H N N 269 
THR HB   H N N 270 
THR HG1  H N N 271 
THR HG21 H N N 272 
THR HG22 H N N 273 
THR HG23 H N N 274 
THR HXT  H N N 275 
TRP N    N N N 276 
TRP CA   C N S 277 
TRP C    C N N 278 
TRP O    O N N 279 
TRP CB   C N N 280 
TRP CG   C Y N 281 
TRP CD1  C Y N 282 
TRP CD2  C Y N 283 
TRP NE1  N Y N 284 
TRP CE2  C Y N 285 
TRP CE3  C Y N 286 
TRP CZ2  C Y N 287 
TRP CZ3  C Y N 288 
TRP CH2  C Y N 289 
TRP OXT  O N N 290 
TRP H    H N N 291 
TRP H2   H N N 292 
TRP HA   H N N 293 
TRP HB2  H N N 294 
TRP HB3  H N N 295 
TRP HD1  H N N 296 
TRP HE1  H N N 297 
TRP HE3  H N N 298 
TRP HZ2  H N N 299 
TRP HZ3  H N N 300 
TRP HH2  H N N 301 
TRP HXT  H N N 302 
TYR N    N N N 303 
TYR CA   C N S 304 
TYR C    C N N 305 
TYR O    O N N 306 
TYR CB   C N N 307 
TYR CG   C Y N 308 
TYR CD1  C Y N 309 
TYR CD2  C Y N 310 
TYR CE1  C Y N 311 
TYR CE2  C Y N 312 
TYR CZ   C Y N 313 
TYR OH   O N N 314 
TYR OXT  O N N 315 
TYR H    H N N 316 
TYR H2   H N N 317 
TYR HA   H N N 318 
TYR HB2  H N N 319 
TYR HB3  H N N 320 
TYR HD1  H N N 321 
TYR HD2  H N N 322 
TYR HE1  H N N 323 
TYR HE2  H N N 324 
TYR HH   H N N 325 
TYR HXT  H N N 326 
# 
loop_
_chem_comp_bond.comp_id 
_chem_comp_bond.atom_id_1 
_chem_comp_bond.atom_id_2 
_chem_comp_bond.value_order 
_chem_comp_bond.pdbx_aromatic_flag 
_chem_comp_bond.pdbx_stereo_config 
_chem_comp_bond.pdbx_ordinal 
ALA N   CA   sing N N 1   
ALA N   H    sing N N 2   
ALA N   H2   sing N N 3   
ALA CA  C    sing N N 4   
ALA CA  CB   sing N N 5   
ALA CA  HA   sing N N 6   
ALA C   O    doub N N 7   
ALA C   OXT  sing N N 8   
ALA CB  HB1  sing N N 9   
ALA CB  HB2  sing N N 10  
ALA CB  HB3  sing N N 11  
ALA OXT HXT  sing N N 12  
ARG N   CA   sing N N 13  
ARG N   H    sing N N 14  
ARG N   H2   sing N N 15  
ARG CA  C    sing N N 16  
ARG CA  CB   sing N N 17  
ARG CA  HA   sing N N 18  
ARG C   O    doub N N 19  
ARG C   OXT  sing N N 20  
ARG CB  CG   sing N N 21  
ARG CB  HB2  sing N N 22  
ARG CB  HB3  sing N N 23  
ARG CG  CD   sing N N 24  
ARG CG  HG2  sing N N 25  
ARG CG  HG3  sing N N 26  
ARG CD  NE   sing N N 27  
ARG CD  HD2  sing N N 28  
ARG CD  HD3  sing N N 29  
ARG NE  CZ   sing N N 30  
ARG NE  HE   sing N N 31  
ARG CZ  NH1  sing N N 32  
ARG CZ  NH2  doub N N 33  
ARG NH1 HH11 sing N N 34  
ARG NH1 HH12 sing N N 35  
ARG NH2 HH21 sing N N 36  
ARG NH2 HH22 sing N N 37  
ARG OXT HXT  sing N N 38  
ASN N   CA   sing N N 39  
ASN N   H    sing N N 40  
ASN N   H2   sing N N 41  
ASN CA  C    sing N N 42  
ASN CA  CB   sing N N 43  
ASN CA  HA   sing N N 44  
ASN C   O    doub N N 45  
ASN C   OXT  sing N N 46  
ASN CB  CG   sing N N 47  
ASN CB  HB2  sing N N 48  
ASN CB  HB3  sing N N 49  
ASN CG  OD1  doub N N 50  
ASN CG  ND2  sing N N 51  
ASN ND2 HD21 sing N N 52  
ASN ND2 HD22 sing N N 53  
ASN OXT HXT  sing N N 54  
ASP N   CA   sing N N 55  
ASP N   H    sing N N 56  
ASP N   H2   sing N N 57  
ASP CA  C    sing N N 58  
ASP CA  CB   sing N N 59  
ASP CA  HA   sing N N 60  
ASP C   O    doub N N 61  
ASP C   OXT  sing N N 62  
ASP CB  CG   sing N N 63  
ASP CB  HB2  sing N N 64  
ASP CB  HB3  sing N N 65  
ASP CG  OD1  doub N N 66  
ASP CG  OD2  sing N N 67  
ASP OD2 HD2  sing N N 68  
ASP OXT HXT  sing N N 69  
CYS N   CA   sing N N 70  
CYS N   H    sing N N 71  
CYS N   H2   sing N N 72  
CYS CA  C    sing N N 73  
CYS CA  CB   sing N N 74  
CYS CA  HA   sing N N 75  
CYS C   O    doub N N 76  
CYS C   OXT  sing N N 77  
CYS CB  SG   sing N N 78  
CYS CB  HB2  sing N N 79  
CYS CB  HB3  sing N N 80  
CYS SG  HG   sing N N 81  
CYS OXT HXT  sing N N 82  
GLU N   CA   sing N N 83  
GLU N   H    sing N N 84  
GLU N   H2   sing N N 85  
GLU CA  C    sing N N 86  
GLU CA  CB   sing N N 87  
GLU CA  HA   sing N N 88  
GLU C   O    doub N N 89  
GLU C   OXT  sing N N 90  
GLU CB  CG   sing N N 91  
GLU CB  HB2  sing N N 92  
GLU CB  HB3  sing N N 93  
GLU CG  CD   sing N N 94  
GLU CG  HG2  sing N N 95  
GLU CG  HG3  sing N N 96  
GLU CD  OE1  doub N N 97  
GLU CD  OE2  sing N N 98  
GLU OE2 HE2  sing N N 99  
GLU OXT HXT  sing N N 100 
GLY N   CA   sing N N 101 
GLY N   H    sing N N 102 
GLY N   H2   sing N N 103 
GLY CA  C    sing N N 104 
GLY CA  HA2  sing N N 105 
GLY CA  HA3  sing N N 106 
GLY C   O    doub N N 107 
GLY C   OXT  sing N N 108 
GLY OXT HXT  sing N N 109 
HIS N   CA   sing N N 110 
HIS N   H    sing N N 111 
HIS N   H2   sing N N 112 
HIS CA  C    sing N N 113 
HIS CA  CB   sing N N 114 
HIS CA  HA   sing N N 115 
HIS C   O    doub N N 116 
HIS C   OXT  sing N N 117 
HIS CB  CG   sing N N 118 
HIS CB  HB2  sing N N 119 
HIS CB  HB3  sing N N 120 
HIS CG  ND1  sing Y N 121 
HIS CG  CD2  doub Y N 122 
HIS ND1 CE1  doub Y N 123 
HIS ND1 HD1  sing N N 124 
HIS CD2 NE2  sing Y N 125 
HIS CD2 HD2  sing N N 126 
HIS CE1 NE2  sing Y N 127 
HIS CE1 HE1  sing N N 128 
HIS NE2 HE2  sing N N 129 
HIS OXT HXT  sing N N 130 
LEU N   CA   sing N N 131 
LEU N   H    sing N N 132 
LEU N   H2   sing N N 133 
LEU CA  C    sing N N 134 
LEU CA  CB   sing N N 135 
LEU CA  HA   sing N N 136 
LEU C   O    doub N N 137 
LEU C   OXT  sing N N 138 
LEU CB  CG   sing N N 139 
LEU CB  HB2  sing N N 140 
LEU CB  HB3  sing N N 141 
LEU CG  CD1  sing N N 142 
LEU CG  CD2  sing N N 143 
LEU CG  HG   sing N N 144 
LEU CD1 HD11 sing N N 145 
LEU CD1 HD12 sing N N 146 
LEU CD1 HD13 sing N N 147 
LEU CD2 HD21 sing N N 148 
LEU CD2 HD22 sing N N 149 
LEU CD2 HD23 sing N N 150 
LEU OXT HXT  sing N N 151 
LYS N   CA   sing N N 152 
LYS N   H    sing N N 153 
LYS N   H2   sing N N 154 
LYS CA  C    sing N N 155 
LYS CA  CB   sing N N 156 
LYS CA  HA   sing N N 157 
LYS C   O    doub N N 158 
LYS C   OXT  sing N N 159 
LYS CB  CG   sing N N 160 
LYS CB  HB2  sing N N 161 
LYS CB  HB3  sing N N 162 
LYS CG  CD   sing N N 163 
LYS CG  HG2  sing N N 164 
LYS CG  HG3  sing N N 165 
LYS CD  CE   sing N N 166 
LYS CD  HD2  sing N N 167 
LYS CD  HD3  sing N N 168 
LYS CE  NZ   sing N N 169 
LYS CE  HE2  sing N N 170 
LYS CE  HE3  sing N N 171 
LYS NZ  HZ1  sing N N 172 
LYS NZ  HZ2  sing N N 173 
LYS NZ  HZ3  sing N N 174 
LYS OXT HXT  sing N N 175 
MET N   CA   sing N N 176 
MET N   H    sing N N 177 
MET N   H2   sing N N 178 
MET CA  C    sing N N 179 
MET CA  CB   sing N N 180 
MET CA  HA   sing N N 181 
MET C   O    doub N N 182 
MET C   OXT  sing N N 183 
MET CB  CG   sing N N 184 
MET CB  HB2  sing N N 185 
MET CB  HB3  sing N N 186 
MET CG  SD   sing N N 187 
MET CG  HG2  sing N N 188 
MET CG  HG3  sing N N 189 
MET SD  CE   sing N N 190 
MET CE  HE1  sing N N 191 
MET CE  HE2  sing N N 192 
MET CE  HE3  sing N N 193 
MET OXT HXT  sing N N 194 
PHE N   CA   sing N N 195 
PHE N   H    sing N N 196 
PHE N   H2   sing N N 197 
PHE CA  C    sing N N 198 
PHE CA  CB   sing N N 199 
PHE CA  HA   sing N N 200 
PHE C   O    doub N N 201 
PHE C   OXT  sing N N 202 
PHE CB  CG   sing N N 203 
PHE CB  HB2  sing N N 204 
PHE CB  HB3  sing N N 205 
PHE CG  CD1  doub Y N 206 
PHE CG  CD2  sing Y N 207 
PHE CD1 CE1  sing Y N 208 
PHE CD1 HD1  sing N N 209 
PHE CD2 CE2  doub Y N 210 
PHE CD2 HD2  sing N N 211 
PHE CE1 CZ   doub Y N 212 
PHE CE1 HE1  sing N N 213 
PHE CE2 CZ   sing Y N 214 
PHE CE2 HE2  sing N N 215 
PHE CZ  HZ   sing N N 216 
PHE OXT HXT  sing N N 217 
PRO N   CA   sing N N 218 
PRO N   CD   sing N N 219 
PRO N   H    sing N N 220 
PRO CA  C    sing N N 221 
PRO CA  CB   sing N N 222 
PRO CA  HA   sing N N 223 
PRO C   O    doub N N 224 
PRO C   OXT  sing N N 225 
PRO CB  CG   sing N N 226 
PRO CB  HB2  sing N N 227 
PRO CB  HB3  sing N N 228 
PRO CG  CD   sing N N 229 
PRO CG  HG2  sing N N 230 
PRO CG  HG3  sing N N 231 
PRO CD  HD2  sing N N 232 
PRO CD  HD3  sing N N 233 
PRO OXT HXT  sing N N 234 
SER N   CA   sing N N 235 
SER N   H    sing N N 236 
SER N   H2   sing N N 237 
SER CA  C    sing N N 238 
SER CA  CB   sing N N 239 
SER CA  HA   sing N N 240 
SER C   O    doub N N 241 
SER C   OXT  sing N N 242 
SER CB  OG   sing N N 243 
SER CB  HB2  sing N N 244 
SER CB  HB3  sing N N 245 
SER OG  HG   sing N N 246 
SER OXT HXT  sing N N 247 
THR N   CA   sing N N 248 
THR N   H    sing N N 249 
THR N   H2   sing N N 250 
THR CA  C    sing N N 251 
THR CA  CB   sing N N 252 
THR CA  HA   sing N N 253 
THR C   O    doub N N 254 
THR C   OXT  sing N N 255 
THR CB  OG1  sing N N 256 
THR CB  CG2  sing N N 257 
THR CB  HB   sing N N 258 
THR OG1 HG1  sing N N 259 
THR CG2 HG21 sing N N 260 
THR CG2 HG22 sing N N 261 
THR CG2 HG23 sing N N 262 
THR OXT HXT  sing N N 263 
TRP N   CA   sing N N 264 
TRP N   H    sing N N 265 
TRP N   H2   sing N N 266 
TRP CA  C    sing N N 267 
TRP CA  CB   sing N N 268 
TRP CA  HA   sing N N 269 
TRP C   O    doub N N 270 
TRP C   OXT  sing N N 271 
TRP CB  CG   sing N N 272 
TRP CB  HB2  sing N N 273 
TRP CB  HB3  sing N N 274 
TRP CG  CD1  doub Y N 275 
TRP CG  CD2  sing Y N 276 
TRP CD1 NE1  sing Y N 277 
TRP CD1 HD1  sing N N 278 
TRP CD2 CE2  doub Y N 279 
TRP CD2 CE3  sing Y N 280 
TRP NE1 CE2  sing Y N 281 
TRP NE1 HE1  sing N N 282 
TRP CE2 CZ2  sing Y N 283 
TRP CE3 CZ3  doub Y N 284 
TRP CE3 HE3  sing N N 285 
TRP CZ2 CH2  doub Y N 286 
TRP CZ2 HZ2  sing N N 287 
TRP CZ3 CH2  sing Y N 288 
TRP CZ3 HZ3  sing N N 289 
TRP CH2 HH2  sing N N 290 
TRP OXT HXT  sing N N 291 
TYR N   CA   sing N N 292 
TYR N   H    sing N N 293 
TYR N   H2   sing N N 294 
TYR CA  C    sing N N 295 
TYR CA  CB   sing N N 296 
TYR CA  HA   sing N N 297 
TYR C   O    doub N N 298 
TYR C   OXT  sing N N 299 
TYR CB  CG   sing N N 300 
TYR CB  HB2  sing N N 301 
TYR CB  HB3  sing N N 302 
TYR CG  CD1  doub Y N 303 
TYR CG  CD2  sing Y N 304 
TYR CD1 CE1  sing Y N 305 
TYR CD1 HD1  sing N N 306 
TYR CD2 CE2  doub Y N 307 
TYR CD2 HD2  sing N N 308 
TYR CE1 CZ   doub Y N 309 
TYR CE1 HE1  sing N N 310 
TYR CE2 CZ   sing Y N 311 
TYR CE2 HE2  sing N N 312 
TYR CZ  OH   sing N N 313 
TYR OH  HH   sing N N 314 
TYR OXT HXT  sing N N 315 
# 
_pdbx_nmr_spectrometer.spectrometer_id   1 
_pdbx_nmr_spectrometer.model             AM-600 
_pdbx_nmr_spectrometer.manufacturer      Bruker 
_pdbx_nmr_spectrometer.field_strength    600 
_pdbx_nmr_spectrometer.type              ? 
# 
_atom_sites.entry_id                    1C56 
_atom_sites.fract_transf_matrix[1][1]   1.000000 
_atom_sites.fract_transf_matrix[1][2]   0.000000 
_atom_sites.fract_transf_matrix[1][3]   0.000000 
_atom_sites.fract_transf_matrix[2][1]   0.000000 
_atom_sites.fract_transf_matrix[2][2]   1.000000 
_atom_sites.fract_transf_matrix[2][3]   0.000000 
_atom_sites.fract_transf_matrix[3][1]   0.000000 
_atom_sites.fract_transf_matrix[3][2]   0.000000 
_atom_sites.fract_transf_matrix[3][3]   1.000000 
_atom_sites.fract_transf_vector[1]      0.00000 
_atom_sites.fract_transf_vector[2]      0.00000 
_atom_sites.fract_transf_vector[3]      0.00000 
# 
loop_
_atom_type.symbol 
C 
H 
N 
O 
S 
# 
loop_
_atom_site.group_PDB 
_atom_site.id 
_atom_site.type_symbol 
_atom_site.label_atom_id 
_atom_site.label_alt_id 
_atom_site.label_comp_id 
_atom_site.label_asym_id 
_atom_site.label_entity_id 
_atom_site.label_seq_id 
_atom_site.pdbx_PDB_ins_code 
_atom_site.Cartn_x 
_atom_site.Cartn_y 
_atom_site.Cartn_z 
_atom_site.occupancy 
_atom_site.B_iso_or_equiv 
_atom_site.pdbx_formal_charge 
_atom_site.auth_seq_id 
_atom_site.auth_comp_id 
_atom_site.auth_asym_id 
_atom_site.auth_atom_id 
_atom_site.pdbx_PDB_model_num 
ATOM 1   N N    . TRP A 1 1  ? 0.791   10.105  -11.900 1.00 3.38 ? 1  TRP A N    1 
ATOM 2   C CA   . TRP A 1 1  ? 1.608   8.859   -11.821 1.00 2.89 ? 1  TRP A CA   1 
ATOM 3   C C    . TRP A 1 1  ? 0.849   7.778   -11.047 1.00 2.26 ? 1  TRP A C    1 
ATOM 4   O O    . TRP A 1 1  ? 0.210   6.921   -11.625 1.00 2.57 ? 1  TRP A O    1 
ATOM 5   C CB   . TRP A 1 1  ? 2.877   9.266   -11.071 1.00 3.01 ? 1  TRP A CB   1 
ATOM 6   C CG   . TRP A 1 1  ? 3.718   8.055   -10.824 1.00 2.85 ? 1  TRP A CG   1 
ATOM 7   C CD1  . TRP A 1 1  ? 3.678   6.918   -11.557 1.00 3.00 ? 1  TRP A CD1  1 
ATOM 8   C CD2  . TRP A 1 1  ? 4.720   7.840   -9.788  1.00 3.22 ? 1  TRP A CD2  1 
ATOM 9   N NE1  . TRP A 1 1  ? 4.592   6.019   -11.037 1.00 3.33 ? 1  TRP A NE1  1 
ATOM 10  C CE2  . TRP A 1 1  ? 5.259   6.541   -9.946  1.00 3.46 ? 1  TRP A CE2  1 
ATOM 11  C CE3  . TRP A 1 1  ? 5.209   8.638   -8.738  1.00 3.83 ? 1  TRP A CE3  1 
ATOM 12  C CZ2  . TRP A 1 1  ? 6.248   6.051   -9.091  1.00 4.16 ? 1  TRP A CZ2  1 
ATOM 13  C CZ3  . TRP A 1 1  ? 6.204   8.147   -7.876  1.00 4.54 ? 1  TRP A CZ3  1 
ATOM 14  C CH2  . TRP A 1 1  ? 6.722   6.856   -8.053  1.00 4.65 ? 1  TRP A CH2  1 
ATOM 15  H H1   . TRP A 1 1  ? -0.185  9.863   -12.170 1.00 3.70 ? 1  TRP A H1   1 
ATOM 16  H H2   . TRP A 1 1  ? 0.789   10.578  -10.976 1.00 3.66 ? 1  TRP A H2   1 
ATOM 17  H H3   . TRP A 1 1  ? 1.199   10.742  -12.613 1.00 3.64 ? 1  TRP A H3   1 
ATOM 18  H HA   . TRP A 1 1  ? 1.859   8.511   -12.810 1.00 3.33 ? 1  TRP A HA   1 
ATOM 19  H HB2  . TRP A 1 1  ? 3.433   9.976   -11.665 1.00 3.47 ? 1  TRP A HB2  1 
ATOM 20  H HB3  . TRP A 1 1  ? 2.608   9.716   -10.127 1.00 3.18 ? 1  TRP A HB3  1 
ATOM 21  H HD1  . TRP A 1 1  ? 3.038   6.742   -12.408 1.00 3.25 ? 1  TRP A HD1  1 
ATOM 22  H HE1  . TRP A 1 1  ? 4.759   5.119   -11.385 1.00 3.75 ? 1  TRP A HE1  1 
ATOM 23  H HE3  . TRP A 1 1  ? 4.817   9.633   -8.593  1.00 4.03 ? 1  TRP A HE3  1 
ATOM 24  H HZ2  . TRP A 1 1  ? 6.643   5.055   -9.233  1.00 4.56 ? 1  TRP A HZ2  1 
ATOM 25  H HZ3  . TRP A 1 1  ? 6.572   8.767   -7.074  1.00 5.21 ? 1  TRP A HZ3  1 
ATOM 26  H HH2  . TRP A 1 1  ? 7.487   6.485   -7.387  1.00 5.34 ? 1  TRP A HH2  1 
ATOM 27  N N    . CYS A 1 2  ? 0.914   7.812   -9.745  1.00 1.77 ? 2  CYS A N    1 
ATOM 28  C CA   . CYS A 1 2  ? 0.197   6.785   -8.936  1.00 1.39 ? 2  CYS A CA   1 
ATOM 29  C C    . CYS A 1 2  ? -0.822  7.457   -8.012  1.00 1.09 ? 2  CYS A C    1 
ATOM 30  O O    . CYS A 1 2  ? -0.496  8.355   -7.260  1.00 1.34 ? 2  CYS A O    1 
ATOM 31  C CB   . CYS A 1 2  ? 1.286   6.093   -8.117  1.00 1.54 ? 2  CYS A CB   1 
ATOM 32  S SG   . CYS A 1 2  ? 2.008   7.273   -6.951  1.00 1.47 ? 2  CYS A SG   1 
ATOM 33  H H    . CYS A 1 2  ? 1.434   8.512   -9.298  1.00 2.03 ? 2  CYS A H    1 
ATOM 34  H HA   . CYS A 1 2  ? -0.292  6.070   -9.579  1.00 1.75 ? 2  CYS A HA   1 
ATOM 35  H HB2  . CYS A 1 2  ? 0.856   5.265   -7.573  1.00 2.11 ? 2  CYS A HB2  1 
ATOM 36  H HB3  . CYS A 1 2  ? 2.056   5.726   -8.781  1.00 1.96 ? 2  CYS A HB3  1 
ATOM 37  N N    . SER A 1 3  ? -2.055  7.032   -8.062  1.00 1.00 ? 3  SER A N    1 
ATOM 38  C CA   . SER A 1 3  ? -3.093  7.647   -7.186  1.00 1.14 ? 3  SER A CA   1 
ATOM 39  C C    . SER A 1 3  ? -3.044  7.025   -5.788  1.00 0.88 ? 3  SER A C    1 
ATOM 40  O O    . SER A 1 3  ? -2.699  7.673   -4.822  1.00 0.90 ? 3  SER A O    1 
ATOM 41  C CB   . SER A 1 3  ? -4.424  7.330   -7.868  1.00 1.65 ? 3  SER A CB   1 
ATOM 42  O OG   . SER A 1 3  ? -4.580  5.920   -7.959  1.00 1.84 ? 3  SER A OG   1 
ATOM 43  H H    . SER A 1 3  ? -2.299  6.306   -8.675  1.00 1.20 ? 3  SER A H    1 
ATOM 44  H HA   . SER A 1 3  ? -2.954  8.715   -7.129  1.00 1.37 ? 3  SER A HA   1 
ATOM 45  H HB2  . SER A 1 3  ? -5.234  7.739   -7.287  1.00 1.96 ? 3  SER A HB2  1 
ATOM 46  H HB3  . SER A 1 3  ? -4.435  7.769   -8.856  1.00 1.82 ? 3  SER A HB3  1 
ATOM 47  H HG   . SER A 1 3  ? -4.217  5.636   -8.801  1.00 2.25 ? 3  SER A HG   1 
ATOM 48  N N    . THR A 1 4  ? -3.385  5.770   -5.674  1.00 0.79 ? 4  THR A N    1 
ATOM 49  C CA   . THR A 1 4  ? -3.357  5.107   -4.339  1.00 0.68 ? 4  THR A CA   1 
ATOM 50  C C    . THR A 1 4  ? -1.984  4.476   -4.091  1.00 0.62 ? 4  THR A C    1 
ATOM 51  O O    . THR A 1 4  ? -1.849  3.272   -4.008  1.00 0.80 ? 4  THR A O    1 
ATOM 52  C CB   . THR A 1 4  ? -4.438  4.028   -4.410  1.00 0.82 ? 4  THR A CB   1 
ATOM 53  O OG1  . THR A 1 4  ? -4.431  3.437   -5.702  1.00 0.96 ? 4  THR A OG1  1 
ATOM 54  C CG2  . THR A 1 4  ? -5.807  4.656   -4.141  1.00 1.08 ? 4  THR A CG2  1 
ATOM 55  H H    . THR A 1 4  ? -3.660  5.264   -6.467  1.00 0.93 ? 4  THR A H    1 
ATOM 56  H HA   . THR A 1 4  ? -3.593  5.816   -3.562  1.00 0.72 ? 4  THR A HA   1 
ATOM 57  H HB   . THR A 1 4  ? -4.241  3.271   -3.665  1.00 0.86 ? 4  THR A HB   1 
ATOM 58  H HG1  . THR A 1 4  ? -5.131  2.780   -5.731  1.00 1.43 ? 4  THR A HG1  1 
ATOM 59  H HG21 . THR A 1 4  ? -5.678  5.685   -3.843  1.00 1.57 ? 4  THR A HG21 1 
ATOM 60  H HG22 . THR A 1 4  ? -6.404  4.613   -5.039  1.00 1.55 ? 4  THR A HG22 1 
ATOM 61  H HG23 . THR A 1 4  ? -6.303  4.111   -3.352  1.00 1.51 ? 4  THR A HG23 1 
ATOM 62  N N    . CYS A 1 5  ? -0.963  5.282   -3.971  1.00 0.63 ? 5  CYS A N    1 
ATOM 63  C CA   . CYS A 1 5  ? 0.399   4.728   -3.727  1.00 0.62 ? 5  CYS A CA   1 
ATOM 64  C C    . CYS A 1 5  ? 0.992   5.323   -2.447  1.00 0.55 ? 5  CYS A C    1 
ATOM 65  O O    . CYS A 1 5  ? 1.074   6.525   -2.290  1.00 0.73 ? 5  CYS A O    1 
ATOM 66  C CB   . CYS A 1 5  ? 1.221   5.150   -4.945  1.00 0.79 ? 5  CYS A CB   1 
ATOM 67  S SG   . CYS A 1 5  ? 1.021   6.927   -5.222  1.00 1.29 ? 5  CYS A SG   1 
ATOM 68  H H    . CYS A 1 5  ? -1.094  6.251   -4.040  1.00 0.82 ? 5  CYS A H    1 
ATOM 69  H HA   . CYS A 1 5  ? 0.363   3.652   -3.662  1.00 0.66 ? 5  CYS A HA   1 
ATOM 70  H HB2  . CYS A 1 5  ? 2.264   4.927   -4.771  1.00 1.45 ? 5  CYS A HB2  1 
ATOM 71  H HB3  . CYS A 1 5  ? 0.878   4.609   -5.815  1.00 1.27 ? 5  CYS A HB3  1 
ATOM 72  N N    . LEU A 1 6  ? 1.406   4.491   -1.531  1.00 0.44 ? 6  LEU A N    1 
ATOM 73  C CA   . LEU A 1 6  ? 1.992   5.010   -0.262  1.00 0.50 ? 6  LEU A CA   1 
ATOM 74  C C    . LEU A 1 6  ? 3.494   5.255   -0.435  1.00 0.56 ? 6  LEU A C    1 
ATOM 75  O O    . LEU A 1 6  ? 4.077   4.908   -1.443  1.00 0.63 ? 6  LEU A O    1 
ATOM 76  C CB   . LEU A 1 6  ? 1.743   3.910   0.769   1.00 0.53 ? 6  LEU A CB   1 
ATOM 77  C CG   . LEU A 1 6  ? 0.293   3.433   0.666   1.00 0.56 ? 6  LEU A CG   1 
ATOM 78  C CD1  . LEU A 1 6  ? -0.038  2.542   1.865   1.00 0.70 ? 6  LEU A CD1  1 
ATOM 79  C CD2  . LEU A 1 6  ? -0.642  4.644   0.659   1.00 0.76 ? 6  LEU A CD2  1 
ATOM 80  H H    . LEU A 1 6  ? 1.331   3.525   -1.676  1.00 0.46 ? 6  LEU A H    1 
ATOM 81  H HA   . LEU A 1 6  ? 1.495   5.918   0.040   1.00 0.60 ? 6  LEU A HA   1 
ATOM 82  H HB2  . LEU A 1 6  ? 2.410   3.081   0.580   1.00 0.56 ? 6  LEU A HB2  1 
ATOM 83  H HB3  . LEU A 1 6  ? 1.922   4.297   1.760   1.00 0.67 ? 6  LEU A HB3  1 
ATOM 84  H HG   . LEU A 1 6  ? 0.164   2.870   -0.247  1.00 0.57 ? 6  LEU A HG   1 
ATOM 85  H HD11 . LEU A 1 6  ? 0.843   1.989   2.157   1.00 1.25 ? 6  LEU A HD11 1 
ATOM 86  H HD12 . LEU A 1 6  ? -0.368  3.156   2.689   1.00 1.24 ? 6  LEU A HD12 1 
ATOM 87  H HD13 . LEU A 1 6  ? -0.822  1.851   1.593   1.00 1.19 ? 6  LEU A HD13 1 
ATOM 88  H HD21 . LEU A 1 6  ? -0.146  5.483   1.125   1.00 1.21 ? 6  LEU A HD21 1 
ATOM 89  H HD22 . LEU A 1 6  ? -0.897  4.895   -0.360  1.00 1.40 ? 6  LEU A HD22 1 
ATOM 90  H HD23 . LEU A 1 6  ? -1.542  4.407   1.208   1.00 1.29 ? 6  LEU A HD23 1 
ATOM 91  N N    . ASP A 1 7  ? 4.125   5.847   0.541   1.00 0.67 ? 7  ASP A N    1 
ATOM 92  C CA   . ASP A 1 7  ? 5.588   6.112   0.433   1.00 0.77 ? 7  ASP A CA   1 
ATOM 93  C C    . ASP A 1 7  ? 6.378   5.029   1.170   1.00 0.74 ? 7  ASP A C    1 
ATOM 94  O O    . ASP A 1 7  ? 7.577   5.128   1.341   1.00 0.88 ? 7  ASP A O    1 
ATOM 95  C CB   . ASP A 1 7  ? 5.794   7.474   1.098   1.00 0.96 ? 7  ASP A CB   1 
ATOM 96  C CG   . ASP A 1 7  ? 7.189   8.002   0.758   1.00 1.16 ? 7  ASP A CG   1 
ATOM 97  O OD1  . ASP A 1 7  ? 7.637   7.763   -0.350  1.00 1.56 ? 7  ASP A OD1  1 
ATOM 98  O OD2  . ASP A 1 7  ? 7.785   8.635   1.614   1.00 1.72 ? 7  ASP A OD2  1 
ATOM 99  H H    . ASP A 1 7  ? 3.636   6.119   1.347   1.00 0.75 ? 7  ASP A H    1 
ATOM 100 H HA   . ASP A 1 7  ? 5.887   6.159   -0.603  1.00 0.80 ? 7  ASP A HA   1 
ATOM 101 H HB2  . ASP A 1 7  ? 5.048   8.167   0.737   1.00 0.99 ? 7  ASP A HB2  1 
ATOM 102 H HB3  . ASP A 1 7  ? 5.702   7.369   2.168   1.00 1.03 ? 7  ASP A HB3  1 
ATOM 103 N N    . LEU A 1 8  ? 5.716   3.994   1.610   1.00 0.62 ? 8  LEU A N    1 
ATOM 104 C CA   . LEU A 1 8  ? 6.431   2.905   2.336   1.00 0.63 ? 8  LEU A CA   1 
ATOM 105 C C    . LEU A 1 8  ? 6.774   1.764   1.375   1.00 0.58 ? 8  LEU A C    1 
ATOM 106 O O    . LEU A 1 8  ? 6.003   1.425   0.499   1.00 0.59 ? 8  LEU A O    1 
ATOM 107 C CB   . LEU A 1 8  ? 5.445   2.428   3.404   1.00 0.66 ? 8  LEU A CB   1 
ATOM 108 C CG   . LEU A 1 8  ? 5.111   3.588   4.344   1.00 0.79 ? 8  LEU A CG   1 
ATOM 109 C CD1  . LEU A 1 8  ? 3.826   3.270   5.111   1.00 0.87 ? 8  LEU A CD1  1 
ATOM 110 C CD2  . LEU A 1 8  ? 6.259   3.786   5.336   1.00 1.02 ? 8  LEU A CD2  1 
ATOM 111 H H    . LEU A 1 8  ? 4.749   3.932   1.462   1.00 0.60 ? 8  LEU A H    1 
ATOM 112 H HA   . LEU A 1 8  ? 7.324   3.286   2.803   1.00 0.69 ? 8  LEU A HA   1 
ATOM 113 H HB2  . LEU A 1 8  ? 4.541   2.078   2.928   1.00 0.64 ? 8  LEU A HB2  1 
ATOM 114 H HB3  . LEU A 1 8  ? 5.890   1.625   3.972   1.00 0.76 ? 8  LEU A HB3  1 
ATOM 115 H HG   . LEU A 1 8  ? 4.971   4.491   3.766   1.00 0.85 ? 8  LEU A HG   1 
ATOM 116 H HD11 . LEU A 1 8  ? 3.803   2.217   5.353   1.00 1.40 ? 8  LEU A HD11 1 
ATOM 117 H HD12 . LEU A 1 8  ? 3.797   3.850   6.022   1.00 1.40 ? 8  LEU A HD12 1 
ATOM 118 H HD13 . LEU A 1 8  ? 2.971   3.518   4.500   1.00 1.22 ? 8  LEU A HD13 1 
ATOM 119 H HD21 . LEU A 1 8  ? 7.162   3.352   4.932   1.00 1.53 ? 8  LEU A HD21 1 
ATOM 120 H HD22 . LEU A 1 8  ? 6.411   4.843   5.504   1.00 1.35 ? 8  LEU A HD22 1 
ATOM 121 H HD23 . LEU A 1 8  ? 6.015   3.304   6.271   1.00 1.49 ? 8  LEU A HD23 1 
ATOM 122 N N    . ALA A 1 9  ? 7.924   1.169   1.531   1.00 0.62 ? 9  ALA A N    1 
ATOM 123 C CA   . ALA A 1 9  ? 8.315   0.051   0.626   1.00 0.63 ? 9  ALA A CA   1 
ATOM 124 C C    . ALA A 1 9  ? 7.558   -1.225  1.004   1.00 0.60 ? 9  ALA A C    1 
ATOM 125 O O    . ALA A 1 9  ? 7.215   -1.439  2.149   1.00 0.75 ? 9  ALA A O    1 
ATOM 126 C CB   . ALA A 1 9  ? 9.817   -0.131  0.847   1.00 0.74 ? 9  ALA A CB   1 
ATOM 127 H H    . ALA A 1 9  ? 8.532   1.457   2.244   1.00 0.68 ? 9  ALA A H    1 
ATOM 128 H HA   . ALA A 1 9  ? 8.123   0.313   -0.403  1.00 0.64 ? 9  ALA A HA   1 
ATOM 129 H HB1  . ALA A 1 9  ? 10.006  -0.329  1.892   1.00 1.37 ? 9  ALA A HB1  1 
ATOM 130 H HB2  . ALA A 1 9  ? 10.170  -0.962  0.253   1.00 1.08 ? 9  ALA A HB2  1 
ATOM 131 H HB3  . ALA A 1 9  ? 10.336  0.768   0.552   1.00 1.32 ? 9  ALA A HB3  1 
ATOM 132 N N    . CYS A 1 10 ? 7.295   -2.075  0.049   1.00 0.57 ? 10 CYS A N    1 
ATOM 133 C CA   . CYS A 1 10 ? 6.560   -3.336  0.355   1.00 0.55 ? 10 CYS A CA   1 
ATOM 134 C C    . CYS A 1 10 ? 7.501   -4.351  1.010   1.00 0.52 ? 10 CYS A C    1 
ATOM 135 O O    . CYS A 1 10 ? 8.570   -4.010  1.476   1.00 0.71 ? 10 CYS A O    1 
ATOM 136 C CB   . CYS A 1 10 ? 6.076   -3.851  -1.000  1.00 0.69 ? 10 CYS A CB   1 
ATOM 137 S SG   . CYS A 1 10 ? 7.493   -4.417  -1.973  1.00 0.84 ? 10 CYS A SG   1 
ATOM 138 H H    . CYS A 1 10 ? 7.581   -1.885  -0.869  1.00 0.67 ? 10 CYS A H    1 
ATOM 139 H HA   . CYS A 1 10 ? 5.717   -3.135  0.996   1.00 0.55 ? 10 CYS A HA   1 
ATOM 140 H HB2  . CYS A 1 10 ? 5.390   -4.672  -0.850  1.00 0.67 ? 10 CYS A HB2  1 
ATOM 141 H HB3  . CYS A 1 10 ? 5.573   -3.054  -1.529  1.00 0.80 ? 10 CYS A HB3  1 
ATOM 142 N N    . GLY A 1 11 ? 7.112   -5.596  1.047   1.00 0.54 ? 11 GLY A N    1 
ATOM 143 C CA   . GLY A 1 11 ? 7.985   -6.631  1.672   1.00 0.63 ? 11 GLY A CA   1 
ATOM 144 C C    . GLY A 1 11 ? 7.156   -7.490  2.629   1.00 0.65 ? 11 GLY A C    1 
ATOM 145 O O    . GLY A 1 11 ? 7.522   -8.600  2.958   1.00 0.88 ? 11 GLY A O    1 
ATOM 146 H H    . GLY A 1 11 ? 6.246   -5.851  0.666   1.00 0.68 ? 11 GLY A H    1 
ATOM 147 H HA2  . GLY A 1 11 ? 8.409   -7.257  0.900   1.00 0.80 ? 11 GLY A HA2  1 
ATOM 148 H HA3  . GLY A 1 11 ? 8.778   -6.149  2.223   1.00 0.70 ? 11 GLY A HA3  1 
ATOM 149 N N    . ALA A 1 12 ? 6.040   -6.984  3.078   1.00 0.67 ? 12 ALA A N    1 
ATOM 150 C CA   . ALA A 1 12 ? 5.188   -7.773  4.015   1.00 0.93 ? 12 ALA A CA   1 
ATOM 151 C C    . ALA A 1 12 ? 3.739   -7.281  3.954   1.00 0.86 ? 12 ALA A C    1 
ATOM 152 O O    . ALA A 1 12 ? 3.429   -6.181  4.368   1.00 0.79 ? 12 ALA A O    1 
ATOM 153 C CB   . ALA A 1 12 ? 5.783   -7.520  5.400   1.00 1.16 ? 12 ALA A CB   1 
ATOM 154 H H    . ALA A 1 12 ? 5.761   -6.086  2.802   1.00 0.66 ? 12 ALA A H    1 
ATOM 155 H HA   . ALA A 1 12 ? 5.240   -8.824  3.778   1.00 1.13 ? 12 ALA A HA   1 
ATOM 156 H HB1  . ALA A 1 12 ? 6.589   -6.806  5.321   1.00 1.45 ? 12 ALA A HB1  1 
ATOM 157 H HB2  . ALA A 1 12 ? 5.019   -7.128  6.055   1.00 1.63 ? 12 ALA A HB2  1 
ATOM 158 H HB3  . ALA A 1 12 ? 6.162   -8.448  5.804   1.00 1.65 ? 12 ALA A HB3  1 
ATOM 159 N N    . SER A 1 13 ? 2.851   -8.087  3.442   1.00 0.96 ? 13 SER A N    1 
ATOM 160 C CA   . SER A 1 13 ? 1.422   -7.665  3.356   1.00 0.93 ? 13 SER A CA   1 
ATOM 161 C C    . SER A 1 13 ? 0.988   -7.000  4.665   1.00 0.86 ? 13 SER A C    1 
ATOM 162 O O    . SER A 1 13 ? 0.197   -6.078  4.671   1.00 0.82 ? 13 SER A O    1 
ATOM 163 C CB   . SER A 1 13 ? 0.641   -8.956  3.124   1.00 1.10 ? 13 SER A CB   1 
ATOM 164 O OG   . SER A 1 13 ? -0.737  -8.647  2.957   1.00 1.66 ? 13 SER A OG   1 
ATOM 165 H H    . SER A 1 13 ? 3.120   -8.970  3.114   1.00 1.09 ? 13 SER A H    1 
ATOM 166 H HA   . SER A 1 13 ? 1.278   -6.992  2.525   1.00 0.89 ? 13 SER A HA   1 
ATOM 167 H HB2  . SER A 1 13 ? 1.005   -9.445  2.236   1.00 1.60 ? 13 SER A HB2  1 
ATOM 168 H HB3  . SER A 1 13 ? 0.774   -9.613  3.974   1.00 1.55 ? 13 SER A HB3  1 
ATOM 169 H HG   . SER A 1 13 ? -1.244  -9.434  3.169   1.00 2.00 ? 13 SER A HG   1 
ATOM 170 N N    . ARG A 1 14 ? 1.499   -7.461  5.773   1.00 0.91 ? 14 ARG A N    1 
ATOM 171 C CA   . ARG A 1 14 ? 1.114   -6.855  7.080   1.00 0.90 ? 14 ARG A CA   1 
ATOM 172 C C    . ARG A 1 14 ? 1.692   -5.443  7.199   1.00 0.80 ? 14 ARG A C    1 
ATOM 173 O O    . ARG A 1 14 ? 1.012   -4.515  7.594   1.00 0.80 ? 14 ARG A O    1 
ATOM 174 C CB   . ARG A 1 14 ? 1.725   -7.776  8.139   1.00 1.05 ? 14 ARG A CB   1 
ATOM 175 C CG   . ARG A 1 14 ? 0.968   -7.610  9.458   1.00 1.76 ? 14 ARG A CG   1 
ATOM 176 C CD   . ARG A 1 14 ? 1.842   -8.102  10.614  1.00 2.23 ? 14 ARG A CD   1 
ATOM 177 N NE   . ARG A 1 14 ? 1.739   -9.587  10.568  1.00 2.83 ? 14 ARG A NE   1 
ATOM 178 C CZ   . ARG A 1 14 ? 0.665   -10.185 11.011  1.00 3.50 ? 14 ARG A CZ   1 
ATOM 179 N NH1  . ARG A 1 14 ? -0.325  -9.484  11.497  1.00 3.76 ? 14 ARG A NH1  1 
ATOM 180 N NH2  . ARG A 1 14 ? 0.580   -11.487 10.967  1.00 4.36 ? 14 ARG A NH2  1 
ATOM 181 H H    . ARG A 1 14 ? 2.136   -8.205  5.747   1.00 1.00 ? 14 ARG A H    1 
ATOM 182 H HA   . ARG A 1 14 ? 0.041   -6.835  7.186   1.00 0.89 ? 14 ARG A HA   1 
ATOM 183 H HB2  . ARG A 1 14 ? 1.652   -8.802  7.807   1.00 1.41 ? 14 ARG A HB2  1 
ATOM 184 H HB3  . ARG A 1 14 ? 2.762   -7.516  8.286   1.00 1.43 ? 14 ARG A HB3  1 
ATOM 185 H HG2  . ARG A 1 14 ? 0.727   -6.567  9.606   1.00 2.35 ? 14 ARG A HG2  1 
ATOM 186 H HG3  . ARG A 1 14 ? 0.057   -8.188  9.426   1.00 2.32 ? 14 ARG A HG3  1 
ATOM 187 H HD2  . ARG A 1 14 ? 2.867   -7.789  10.468  1.00 2.64 ? 14 ARG A HD2  1 
ATOM 188 H HD3  . ARG A 1 14 ? 1.464   -7.734  11.555  1.00 2.61 ? 14 ARG A HD3  1 
ATOM 189 H HE   . ARG A 1 14 ? 2.478   -10.117 10.203  1.00 3.17 ? 14 ARG A HE   1 
ATOM 190 H HH11 . ARG A 1 14 ? -0.264  -8.487  11.532  1.00 3.51 ? 14 ARG A HH11 1 
ATOM 191 H HH12 . ARG A 1 14 ? -1.144  -9.946  11.835  1.00 4.52 ? 14 ARG A HH12 1 
ATOM 192 H HH21 . ARG A 1 14 ? 1.337   -12.025 10.596  1.00 4.60 ? 14 ARG A HH21 1 
ATOM 193 H HH22 . ARG A 1 14 ? -0.241  -11.946 11.307  1.00 4.98 ? 14 ARG A HH22 1 
ATOM 194 N N    . GLU A 1 15 ? 2.941   -5.272  6.862   1.00 0.79 ? 15 GLU A N    1 
ATOM 195 C CA   . GLU A 1 15 ? 3.560   -3.919  6.956   1.00 0.76 ? 15 GLU A CA   1 
ATOM 196 C C    . GLU A 1 15 ? 2.725   -2.899  6.176   1.00 0.63 ? 15 GLU A C    1 
ATOM 197 O O    . GLU A 1 15 ? 2.464   -1.810  6.643   1.00 0.64 ? 15 GLU A O    1 
ATOM 198 C CB   . GLU A 1 15 ? 4.945   -4.073  6.326   1.00 0.83 ? 15 GLU A CB   1 
ATOM 199 C CG   . GLU A 1 15 ? 5.768   -2.810  6.587   1.00 0.97 ? 15 GLU A CG   1 
ATOM 200 C CD   . GLU A 1 15 ? 7.240   -3.086  6.276   1.00 1.42 ? 15 GLU A CD   1 
ATOM 201 O OE1  . GLU A 1 15 ? 7.499   -3.902  5.407   1.00 2.16 ? 15 GLU A OE1  1 
ATOM 202 O OE2  . GLU A 1 15 ? 8.084   -2.475  6.912   1.00 1.98 ? 15 GLU A OE2  1 
ATOM 203 H H    . GLU A 1 15 ? 3.472   -6.033  6.547   1.00 0.84 ? 15 GLU A H    1 
ATOM 204 H HA   . GLU A 1 15 ? 3.655   -3.619  7.988   1.00 0.83 ? 15 GLU A HA   1 
ATOM 205 H HB2  . GLU A 1 15 ? 5.444   -4.925  6.762   1.00 0.96 ? 15 GLU A HB2  1 
ATOM 206 H HB3  . GLU A 1 15 ? 4.843   -4.220  5.262   1.00 0.80 ? 15 GLU A HB3  1 
ATOM 207 H HG2  . GLU A 1 15 ? 5.409   -2.010  5.956   1.00 1.38 ? 15 GLU A HG2  1 
ATOM 208 H HG3  . GLU A 1 15 ? 5.669   -2.523  7.623   1.00 1.43 ? 15 GLU A HG3  1 
ATOM 209 N N    . CYS A 1 16 ? 2.306   -3.246  4.989   1.00 0.57 ? 16 CYS A N    1 
ATOM 210 C CA   . CYS A 1 16 ? 1.489   -2.296  4.180   1.00 0.48 ? 16 CYS A CA   1 
ATOM 211 C C    . CYS A 1 16 ? 0.023   -2.356  4.617   1.00 0.39 ? 16 CYS A C    1 
ATOM 212 O O    . CYS A 1 16 ? -0.742  -1.440  4.384   1.00 0.36 ? 16 CYS A O    1 
ATOM 213 C CB   . CYS A 1 16 ? 1.638   -2.777  2.736   1.00 0.57 ? 16 CYS A CB   1 
ATOM 214 S SG   . CYS A 1 16 ? 3.367   -2.617  2.224   1.00 0.70 ? 16 CYS A SG   1 
ATOM 215 H H    . CYS A 1 16 ? 2.529   -4.130  4.630   1.00 0.62 ? 16 CYS A H    1 
ATOM 216 H HA   . CYS A 1 16 ? 1.872   -1.293  4.277   1.00 0.50 ? 16 CYS A HA   1 
ATOM 217 H HB2  . CYS A 1 16 ? 1.336   -3.810  2.668   1.00 0.76 ? 16 CYS A HB2  1 
ATOM 218 H HB3  . CYS A 1 16 ? 1.015   -2.174  2.091   1.00 0.56 ? 16 CYS A HB3  1 
ATOM 219 N N    . TYR A 1 17 ? -0.375  -3.425  5.250   1.00 0.43 ? 17 TYR A N    1 
ATOM 220 C CA   . TYR A 1 17 ? -1.792  -3.541  5.701   1.00 0.39 ? 17 TYR A CA   1 
ATOM 221 C C    . TYR A 1 17 ? -2.084  -2.510  6.795   1.00 0.37 ? 17 TYR A C    1 
ATOM 222 O O    . TYR A 1 17 ? -3.196  -2.040  6.937   1.00 0.39 ? 17 TYR A O    1 
ATOM 223 C CB   . TYR A 1 17 ? -1.915  -4.961  6.255   1.00 0.49 ? 17 TYR A CB   1 
ATOM 224 C CG   . TYR A 1 17 ? -3.285  -5.147  6.864   1.00 0.62 ? 17 TYR A CG   1 
ATOM 225 C CD1  . TYR A 1 17 ? -3.608  -4.509  8.068   1.00 1.44 ? 17 TYR A CD1  1 
ATOM 226 C CD2  . TYR A 1 17 ? -4.231  -5.956  6.224   1.00 1.37 ? 17 TYR A CD2  1 
ATOM 227 C CE1  . TYR A 1 17 ? -4.877  -4.682  8.632   1.00 1.57 ? 17 TYR A CE1  1 
ATOM 228 C CE2  . TYR A 1 17 ? -5.501  -6.128  6.789   1.00 1.54 ? 17 TYR A CE2  1 
ATOM 229 C CZ   . TYR A 1 17 ? -5.824  -5.491  7.992   1.00 1.12 ? 17 TYR A CZ   1 
ATOM 230 O OH   . TYR A 1 17 ? -7.075  -5.660  8.549   1.00 1.41 ? 17 TYR A OH   1 
ATOM 231 H H    . TYR A 1 17 ? 0.257   -4.152  5.429   1.00 0.53 ? 17 TYR A H    1 
ATOM 232 H HA   . TYR A 1 17 ? -2.464  -3.410  4.869   1.00 0.39 ? 17 TYR A HA   1 
ATOM 233 H HB2  . TYR A 1 17 ? -1.778  -5.673  5.454   1.00 0.55 ? 17 TYR A HB2  1 
ATOM 234 H HB3  . TYR A 1 17 ? -1.162  -5.120  7.012   1.00 0.57 ? 17 TYR A HB3  1 
ATOM 235 H HD1  . TYR A 1 17 ? -2.877  -3.885  8.561   1.00 2.27 ? 17 TYR A HD1  1 
ATOM 236 H HD2  . TYR A 1 17 ? -3.982  -6.448  5.296   1.00 2.17 ? 17 TYR A HD2  1 
ATOM 237 H HE1  . TYR A 1 17 ? -5.126  -4.189  9.561   1.00 2.40 ? 17 TYR A HE1  1 
ATOM 238 H HE2  . TYR A 1 17 ? -6.231  -6.752  6.296   1.00 2.38 ? 17 TYR A HE2  1 
ATOM 239 H HH   . TYR A 1 17 ? -6.999  -6.299  9.261   1.00 1.75 ? 17 TYR A HH   1 
ATOM 240 N N    . ASP A 1 18 ? -1.096  -2.156  7.570   1.00 0.44 ? 18 ASP A N    1 
ATOM 241 C CA   . ASP A 1 18 ? -1.319  -1.156  8.653   1.00 0.51 ? 18 ASP A CA   1 
ATOM 242 C C    . ASP A 1 18 ? -1.649  0.212   8.051   1.00 0.47 ? 18 ASP A C    1 
ATOM 243 O O    . ASP A 1 18 ? -2.685  0.781   8.332   1.00 0.49 ? 18 ASP A O    1 
ATOM 244 C CB   . ASP A 1 18 ? 0.004   -1.101  9.419   1.00 0.63 ? 18 ASP A CB   1 
ATOM 245 C CG   . ASP A 1 18 ? -0.218  -1.570  10.858  1.00 1.08 ? 18 ASP A CG   1 
ATOM 246 O OD1  . ASP A 1 18 ? -1.292  -1.321  11.382  1.00 1.67 ? 18 ASP A OD1  1 
ATOM 247 O OD2  . ASP A 1 18 ? 0.688   -2.171  11.411  1.00 1.77 ? 18 ASP A OD2  1 
ATOM 248 H H    . ASP A 1 18 ? -0.206  -2.547  7.439   1.00 0.49 ? 18 ASP A H    1 
ATOM 249 H HA   . ASP A 1 18 ? -2.111  -1.481  9.308   1.00 0.54 ? 18 ASP A HA   1 
ATOM 250 H HB2  . ASP A 1 18 ? 0.726   -1.744  8.936   1.00 0.93 ? 18 ASP A HB2  1 
ATOM 251 H HB3  . ASP A 1 18 ? 0.373   -0.086  9.426   1.00 0.85 ? 18 ASP A HB3  1 
ATOM 252 N N    . PRO A 1 19 ? -0.748  0.693   7.237   1.00 0.44 ? 19 PRO A N    1 
ATOM 253 C CA   . PRO A 1 19 ? -0.939  2.010   6.581   1.00 0.45 ? 19 PRO A CA   1 
ATOM 254 C C    . PRO A 1 19 ? -2.001  1.912   5.483   1.00 0.38 ? 19 PRO A C    1 
ATOM 255 O O    . PRO A 1 19 ? -2.986  2.622   5.493   1.00 0.42 ? 19 PRO A O    1 
ATOM 256 C CB   . PRO A 1 19 ? 0.433   2.314   5.987   1.00 0.49 ? 19 PRO A CB   1 
ATOM 257 C CG   . PRO A 1 19 ? 1.080   0.979   5.799   1.00 0.45 ? 19 PRO A CG   1 
ATOM 258 C CD   . PRO A 1 19 ? 0.519   0.062   6.855   1.00 0.45 ? 19 PRO A CD   1 
ATOM 259 H HA   . PRO A 1 19 ? -1.205  2.763   7.306   1.00 0.53 ? 19 PRO A HA   1 
ATOM 260 H HB2  . PRO A 1 19 ? 0.325   2.821   5.037   1.00 0.48 ? 19 PRO A HB2  1 
ATOM 261 H HB3  . PRO A 1 19 ? 1.015   2.913   6.670   1.00 0.57 ? 19 PRO A HB3  1 
ATOM 262 H HG2  . PRO A 1 19 ? 0.850   0.595   4.813   1.00 0.40 ? 19 PRO A HG2  1 
ATOM 263 H HG3  . PRO A 1 19 ? 2.148   1.065   5.922   1.00 0.52 ? 19 PRO A HG3  1 
ATOM 264 H HD2  . PRO A 1 19 ? 0.347   -0.925  6.446   1.00 0.42 ? 19 PRO A HD2  1 
ATOM 265 H HD3  . PRO A 1 19 ? 1.181   0.012   7.705   1.00 0.53 ? 19 PRO A HD3  1 
ATOM 266 N N    . CYS A 1 20 ? -1.808  1.036   4.535   1.00 0.33 ? 20 CYS A N    1 
ATOM 267 C CA   . CYS A 1 20 ? -2.807  0.893   3.436   1.00 0.31 ? 20 CYS A CA   1 
ATOM 268 C C    . CYS A 1 20 ? -4.222  0.824   4.015   1.00 0.32 ? 20 CYS A C    1 
ATOM 269 O O    . CYS A 1 20 ? -5.190  1.142   3.353   1.00 0.40 ? 20 CYS A O    1 
ATOM 270 C CB   . CYS A 1 20 ? -2.446  -0.420  2.742   1.00 0.32 ? 20 CYS A CB   1 
ATOM 271 S SG   . CYS A 1 20 ? -3.488  -0.633  1.277   1.00 0.36 ? 20 CYS A SG   1 
ATOM 272 H H    . CYS A 1 20 ? -1.006  0.472   4.544   1.00 0.34 ? 20 CYS A H    1 
ATOM 273 H HA   . CYS A 1 20 ? -2.722  1.713   2.741   1.00 0.37 ? 20 CYS A HA   1 
ATOM 274 H HB2  . CYS A 1 20 ? -1.408  -0.397  2.444   1.00 0.36 ? 20 CYS A HB2  1 
ATOM 275 H HB3  . CYS A 1 20 ? -2.607  -1.243  3.422   1.00 0.37 ? 20 CYS A HB3  1 
ATOM 276 N N    . PHE A 1 21 ? -4.351  0.411   5.246   1.00 0.32 ? 21 PHE A N    1 
ATOM 277 C CA   . PHE A 1 21 ? -5.705  0.322   5.866   1.00 0.39 ? 21 PHE A CA   1 
ATOM 278 C C    . PHE A 1 21 ? -6.053  1.638   6.566   1.00 0.45 ? 21 PHE A C    1 
ATOM 279 O O    . PHE A 1 21 ? -7.184  2.080   6.551   1.00 0.55 ? 21 PHE A O    1 
ATOM 280 C CB   . PHE A 1 21 ? -5.600  -0.815  6.882   1.00 0.47 ? 21 PHE A CB   1 
ATOM 281 C CG   . PHE A 1 21 ? -6.838  -0.832  7.747   1.00 0.63 ? 21 PHE A CG   1 
ATOM 282 C CD1  . PHE A 1 21 ? -8.069  -0.432  7.214   1.00 1.36 ? 21 PHE A CD1  1 
ATOM 283 C CD2  . PHE A 1 21 ? -6.755  -1.249  9.081   1.00 1.44 ? 21 PHE A CD2  1 
ATOM 284 C CE1  . PHE A 1 21 ? -9.217  -0.448  8.016   1.00 1.44 ? 21 PHE A CE1  1 
ATOM 285 C CE2  . PHE A 1 21 ? -7.903  -1.265  9.882   1.00 1.61 ? 21 PHE A CE2  1 
ATOM 286 C CZ   . PHE A 1 21 ? -9.134  -0.865  9.350   1.00 1.07 ? 21 PHE A CZ   1 
ATOM 287 H H    . PHE A 1 21 ? -3.557  0.160   5.764   1.00 0.33 ? 21 PHE A H    1 
ATOM 288 H HA   . PHE A 1 21 ? -6.446  0.084   5.119   1.00 0.44 ? 21 PHE A HA   1 
ATOM 289 H HB2  . PHE A 1 21 ? -5.512  -1.757  6.361   1.00 0.53 ? 21 PHE A HB2  1 
ATOM 290 H HB3  . PHE A 1 21 ? -4.731  -0.665  7.504   1.00 0.53 ? 21 PHE A HB3  1 
ATOM 291 H HD1  . PHE A 1 21 ? -8.134  -0.110  6.185   1.00 2.19 ? 21 PHE A HD1  1 
ATOM 292 H HD2  . PHE A 1 21 ? -5.805  -1.559  9.491   1.00 2.23 ? 21 PHE A HD2  1 
ATOM 293 H HE1  . PHE A 1 21 ? -10.167 -0.139  7.606   1.00 2.24 ? 21 PHE A HE1  1 
ATOM 294 H HE2  . PHE A 1 21 ? -7.838  -1.588  10.911  1.00 2.47 ? 21 PHE A HE2  1 
ATOM 295 H HZ   . PHE A 1 21 ? -10.019 -0.877  9.968   1.00 1.26 ? 21 PHE A HZ   1 
ATOM 296 N N    . LYS A 1 22 ? -5.089  2.268   7.180   1.00 0.48 ? 22 LYS A N    1 
ATOM 297 C CA   . LYS A 1 22 ? -5.367  3.555   7.880   1.00 0.60 ? 22 LYS A CA   1 
ATOM 298 C C    . LYS A 1 22 ? -5.353  4.714   6.881   1.00 0.58 ? 22 LYS A C    1 
ATOM 299 O O    . LYS A 1 22 ? -5.903  5.770   7.132   1.00 0.70 ? 22 LYS A O    1 
ATOM 300 C CB   . LYS A 1 22 ? -4.231  3.707   8.893   1.00 0.74 ? 22 LYS A CB   1 
ATOM 301 C CG   . LYS A 1 22 ? -4.810  3.735   10.309  1.00 1.31 ? 22 LYS A CG   1 
ATOM 302 C CD   . LYS A 1 22 ? -3.856  3.016   11.266  1.00 1.90 ? 22 LYS A CD   1 
ATOM 303 C CE   . LYS A 1 22 ? -3.406  3.986   12.362  1.00 2.52 ? 22 LYS A CE   1 
ATOM 304 N NZ   . LYS A 1 22 ? -3.359  3.164   13.604  1.00 3.09 ? 22 LYS A NZ   1 
ATOM 305 H H    . LYS A 1 22 ? -4.182  1.895   7.181   1.00 0.48 ? 22 LYS A H    1 
ATOM 306 H HA   . LYS A 1 22 ? -6.315  3.509   8.393   1.00 0.67 ? 22 LYS A HA   1 
ATOM 307 H HB2  . LYS A 1 22 ? -3.549  2.874   8.798   1.00 0.96 ? 22 LYS A HB2  1 
ATOM 308 H HB3  . LYS A 1 22 ? -3.702  4.629   8.705   1.00 1.15 ? 22 LYS A HB3  1 
ATOM 309 H HG2  . LYS A 1 22 ? -4.936  4.760   10.627  1.00 1.80 ? 22 LYS A HG2  1 
ATOM 310 H HG3  . LYS A 1 22 ? -5.767  3.236   10.317  1.00 1.88 ? 22 LYS A HG3  1 
ATOM 311 H HD2  . LYS A 1 22 ? -4.362  2.174   11.713  1.00 2.36 ? 22 LYS A HD2  1 
ATOM 312 H HD3  . LYS A 1 22 ? -2.991  2.669   10.719  1.00 2.29 ? 22 LYS A HD3  1 
ATOM 313 H HE2  . LYS A 1 22 ? -2.427  4.383   12.133  1.00 2.97 ? 22 LYS A HE2  1 
ATOM 314 H HE3  . LYS A 1 22 ? -4.121  4.785   12.475  1.00 2.81 ? 22 LYS A HE3  1 
ATOM 315 H HZ1  . LYS A 1 22 ? -4.297  2.748   13.780  1.00 3.44 ? 22 LYS A HZ1  1 
ATOM 316 H HZ2  . LYS A 1 22 ? -2.658  2.406   13.491  1.00 3.45 ? 22 LYS A HZ2  1 
ATOM 317 H HZ3  . LYS A 1 22 ? -3.089  3.766   14.407  1.00 3.38 ? 22 LYS A HZ3  1 
ATOM 318 N N    . ALA A 1 23 ? -4.732  4.528   5.749   1.00 0.56 ? 23 ALA A N    1 
ATOM 319 C CA   . ALA A 1 23 ? -4.684  5.620   4.735   1.00 0.62 ? 23 ALA A CA   1 
ATOM 320 C C    . ALA A 1 23 ? -5.917  5.556   3.831   1.00 0.58 ? 23 ALA A C    1 
ATOM 321 O O    . ALA A 1 23 ? -6.676  6.500   3.732   1.00 0.65 ? 23 ALA A O    1 
ATOM 322 C CB   . ALA A 1 23 ? -3.412  5.356   3.928   1.00 0.68 ? 23 ALA A CB   1 
ATOM 323 H H    . ALA A 1 23 ? -4.295  3.670   5.566   1.00 0.60 ? 23 ALA A H    1 
ATOM 324 H HA   . ALA A 1 23 ? -4.620  6.582   5.219   1.00 0.72 ? 23 ALA A HA   1 
ATOM 325 H HB1  . ALA A 1 23 ? -3.074  4.347   4.110   1.00 1.22 ? 23 ALA A HB1  1 
ATOM 326 H HB2  . ALA A 1 23 ? -3.622  5.482   2.875   1.00 1.22 ? 23 ALA A HB2  1 
ATOM 327 H HB3  . ALA A 1 23 ? -2.644  6.054   4.228   1.00 1.26 ? 23 ALA A HB3  1 
ATOM 328 N N    . PHE A 1 24 ? -6.123  4.450   3.170   1.00 0.53 ? 24 PHE A N    1 
ATOM 329 C CA   . PHE A 1 24 ? -7.308  4.326   2.273   1.00 0.57 ? 24 PHE A CA   1 
ATOM 330 C C    . PHE A 1 24 ? -8.501  3.760   3.048   1.00 0.59 ? 24 PHE A C    1 
ATOM 331 O O    . PHE A 1 24 ? -9.638  4.107   2.794   1.00 0.92 ? 24 PHE A O    1 
ATOM 332 C CB   . PHE A 1 24 ? -6.874  3.357   1.174   1.00 0.59 ? 24 PHE A CB   1 
ATOM 333 C CG   . PHE A 1 24 ? -5.783  3.991   0.344   1.00 0.59 ? 24 PHE A CG   1 
ATOM 334 C CD1  . PHE A 1 24 ? -5.961  5.277   -0.179  1.00 0.75 ? 24 PHE A CD1  1 
ATOM 335 C CD2  . PHE A 1 24 ? -4.595  3.293   0.099   1.00 0.54 ? 24 PHE A CD2  1 
ATOM 336 C CE1  . PHE A 1 24 ? -4.950  5.865   -0.949  1.00 0.82 ? 24 PHE A CE1  1 
ATOM 337 C CE2  . PHE A 1 24 ? -3.584  3.881   -0.669  1.00 0.62 ? 24 PHE A CE2  1 
ATOM 338 C CZ   . PHE A 1 24 ? -3.761  5.168   -1.194  1.00 0.74 ? 24 PHE A CZ   1 
ATOM 339 H H    . PHE A 1 24 ? -5.499  3.700   3.263   1.00 0.52 ? 24 PHE A H    1 
ATOM 340 H HA   . PHE A 1 24 ? -7.557  5.284   1.843   1.00 0.64 ? 24 PHE A HA   1 
ATOM 341 H HB2  . PHE A 1 24 ? -6.503  2.447   1.623   1.00 0.59 ? 24 PHE A HB2  1 
ATOM 342 H HB3  . PHE A 1 24 ? -7.719  3.127   0.542   1.00 0.67 ? 24 PHE A HB3  1 
ATOM 343 H HD1  . PHE A 1 24 ? -6.878  5.815   0.009   1.00 0.86 ? 24 PHE A HD1  1 
ATOM 344 H HD2  . PHE A 1 24 ? -4.458  2.301   0.504   1.00 0.53 ? 24 PHE A HD2  1 
ATOM 345 H HE1  . PHE A 1 24 ? -5.086  6.858   -1.353  1.00 0.98 ? 24 PHE A HE1  1 
ATOM 346 H HE2  . PHE A 1 24 ? -2.667  3.343   -0.858  1.00 0.65 ? 24 PHE A HE2  1 
ATOM 347 H HZ   . PHE A 1 24 ? -2.981  5.621   -1.787  1.00 0.83 ? 24 PHE A HZ   1 
ATOM 348 N N    . GLY A 1 25 ? -8.252  2.893   3.990   1.00 0.57 ? 25 GLY A N    1 
ATOM 349 C CA   . GLY A 1 25 ? -9.372  2.306   4.779   1.00 0.62 ? 25 GLY A CA   1 
ATOM 350 C C    . GLY A 1 25 ? -9.475  0.809   4.486   1.00 0.54 ? 25 GLY A C    1 
ATOM 351 O O    . GLY A 1 25 ? -10.039 0.053   5.253   1.00 0.76 ? 25 GLY A O    1 
ATOM 352 H H    . GLY A 1 25 ? -7.327  2.627   4.179   1.00 0.78 ? 25 GLY A H    1 
ATOM 353 H HA2  . GLY A 1 25 ? -9.187  2.457   5.833   1.00 0.69 ? 25 GLY A HA2  1 
ATOM 354 H HA3  . GLY A 1 25 ? -10.298 2.788   4.504   1.00 0.74 ? 25 GLY A HA3  1 
ATOM 355 N N    . ARG A 1 26 ? -8.934  0.373   3.382   1.00 0.60 ? 26 ARG A N    1 
ATOM 356 C CA   . ARG A 1 26 ? -9.002  -1.078  3.040   1.00 0.61 ? 26 ARG A CA   1 
ATOM 357 C C    . ARG A 1 26 ? -7.592  -1.639  2.835   1.00 0.52 ? 26 ARG A C    1 
ATOM 358 O O    . ARG A 1 26 ? -6.833  -1.153  2.019   1.00 0.72 ? 26 ARG A O    1 
ATOM 359 C CB   . ARG A 1 26 ? -9.800  -1.142  1.738   1.00 0.83 ? 26 ARG A CB   1 
ATOM 360 C CG   . ARG A 1 26 ? -11.202 -0.576  1.970   1.00 1.06 ? 26 ARG A CG   1 
ATOM 361 C CD   . ARG A 1 26 ? -12.180 -1.211  0.979   1.00 1.88 ? 26 ARG A CD   1 
ATOM 362 N NE   . ARG A 1 26 ? -13.487 -0.549  1.250   1.00 2.44 ? 26 ARG A NE   1 
ATOM 363 C CZ   . ARG A 1 26 ? -14.595 -1.072  0.797   1.00 3.06 ? 26 ARG A CZ   1 
ATOM 364 N NH1  . ARG A 1 26 ? -14.564 -2.178  0.103   1.00 3.34 ? 26 ARG A NH1  1 
ATOM 365 N NH2  . ARG A 1 26 ? -15.736 -0.487  1.039   1.00 3.90 ? 26 ARG A NH2  1 
ATOM 366 H H    . ARG A 1 26 ? -8.484  0.997   2.776   1.00 0.84 ? 26 ARG A H    1 
ATOM 367 H HA   . ARG A 1 26 ? -9.516  -1.624  3.816   1.00 0.65 ? 26 ARG A HA   1 
ATOM 368 H HB2  . ARG A 1 26 ? -9.297  -0.560  0.980   1.00 0.92 ? 26 ARG A HB2  1 
ATOM 369 H HB3  . ARG A 1 26 ? -9.877  -2.169  1.413   1.00 0.94 ? 26 ARG A HB3  1 
ATOM 370 H HG2  . ARG A 1 26 ? -11.517 -0.798  2.980   1.00 1.23 ? 26 ARG A HG2  1 
ATOM 371 H HG3  . ARG A 1 26 ? -11.188 0.493   1.823   1.00 1.40 ? 26 ARG A HG3  1 
ATOM 372 H HD2  . ARG A 1 26 ? -11.862 -1.019  -0.036  1.00 2.39 ? 26 ARG A HD2  1 
ATOM 373 H HD3  . ARG A 1 26 ? -12.259 -2.272  1.155   1.00 2.35 ? 26 ARG A HD3  1 
ATOM 374 H HE   . ARG A 1 26 ? -13.515 0.281   1.771   1.00 2.83 ? 26 ARG A HE   1 
ATOM 375 H HH11 . ARG A 1 26 ? -13.691 -2.629  -0.084  1.00 3.10 ? 26 ARG A HH11 1 
ATOM 376 H HH12 . ARG A 1 26 ? -15.415 -2.575  -0.241  1.00 4.11 ? 26 ARG A HH12 1 
ATOM 377 H HH21 . ARG A 1 26 ? -15.762 0.359   1.570   1.00 4.15 ? 26 ARG A HH21 1 
ATOM 378 H HH22 . ARG A 1 26 ? -16.585 -0.886  0.692   1.00 4.51 ? 26 ARG A HH22 1 
ATOM 379 N N    . ALA A 1 27 ? -7.236  -2.659  3.568   1.00 0.44 ? 27 ALA A N    1 
ATOM 380 C CA   . ALA A 1 27 ? -5.876  -3.249  3.413   1.00 0.42 ? 27 ALA A CA   1 
ATOM 381 C C    . ALA A 1 27 ? -5.808  -4.096  2.139   1.00 0.47 ? 27 ALA A C    1 
ATOM 382 O O    . ALA A 1 27 ? -5.624  -5.296  2.189   1.00 0.79 ? 27 ALA A O    1 
ATOM 383 C CB   . ALA A 1 27 ? -5.682  -4.126  4.651   1.00 0.53 ? 27 ALA A CB   1 
ATOM 384 H H    . ALA A 1 27 ? -7.863  -3.036  4.220   1.00 0.59 ? 27 ALA A H    1 
ATOM 385 H HA   . ALA A 1 27 ? -5.128  -2.473  3.391   1.00 0.41 ? 27 ALA A HA   1 
ATOM 386 H HB1  . ALA A 1 27 ? -6.407  -3.852  5.403   1.00 1.14 ? 27 ALA A HB1  1 
ATOM 387 H HB2  . ALA A 1 27 ? -5.815  -5.164  4.382   1.00 1.12 ? 27 ALA A HB2  1 
ATOM 388 H HB3  . ALA A 1 27 ? -4.686  -3.981  5.043   1.00 1.20 ? 27 ALA A HB3  1 
ATOM 389 N N    . HIS A 1 28 ? -5.956  -3.481  0.998   1.00 0.41 ? 28 HIS A N    1 
ATOM 390 C CA   . HIS A 1 28 ? -5.901  -4.251  -0.277  1.00 0.50 ? 28 HIS A CA   1 
ATOM 391 C C    . HIS A 1 28 ? -4.996  -3.540  -1.287  1.00 0.46 ? 28 HIS A C    1 
ATOM 392 O O    . HIS A 1 28 ? -5.407  -2.614  -1.958  1.00 0.55 ? 28 HIS A O    1 
ATOM 393 C CB   . HIS A 1 28 ? -7.344  -4.287  -0.782  1.00 0.65 ? 28 HIS A CB   1 
ATOM 394 C CG   . HIS A 1 28 ? -7.575  -5.557  -1.553  1.00 0.88 ? 28 HIS A CG   1 
ATOM 395 N ND1  . HIS A 1 28 ? -8.808  -6.188  -1.586  1.00 1.60 ? 28 HIS A ND1  1 
ATOM 396 C CD2  . HIS A 1 28 ? -6.740  -6.326  -2.326  1.00 1.41 ? 28 HIS A CD2  1 
ATOM 397 C CE1  . HIS A 1 28 ? -8.682  -7.285  -2.354  1.00 1.58 ? 28 HIS A CE1  1 
ATOM 398 N NE2  . HIS A 1 28 ? -7.441  -7.417  -2.831  1.00 1.38 ? 28 HIS A NE2  1 
ATOM 399 H H    . HIS A 1 28 ? -6.104  -2.513  0.980   1.00 0.57 ? 28 HIS A H    1 
ATOM 400 H HA   . HIS A 1 28 ? -5.549  -5.255  -0.097  1.00 0.58 ? 28 HIS A HA   1 
ATOM 401 H HB2  . HIS A 1 28 ? -8.020  -4.248  0.059   1.00 0.72 ? 28 HIS A HB2  1 
ATOM 402 H HB3  . HIS A 1 28 ? -7.520  -3.438  -1.426  1.00 0.66 ? 28 HIS A HB3  1 
ATOM 403 H HD1  . HIS A 1 28 ? -9.624  -5.890  -1.130  1.00 2.32 ? 28 HIS A HD1  1 
ATOM 404 H HD2  . HIS A 1 28 ? -5.697  -6.115  -2.514  1.00 2.21 ? 28 HIS A HD2  1 
ATOM 405 H HE1  . HIS A 1 28 ? -9.486  -7.977  -2.559  1.00 2.18 ? 28 HIS A HE1  1 
ATOM 406 N N    . GLY A 1 29 ? -3.767  -3.965  -1.398  1.00 0.46 ? 29 GLY A N    1 
ATOM 407 C CA   . GLY A 1 29 ? -2.839  -3.312  -2.364  1.00 0.49 ? 29 GLY A CA   1 
ATOM 408 C C    . GLY A 1 29 ? -1.746  -4.302  -2.773  1.00 0.50 ? 29 GLY A C    1 
ATOM 409 O O    . GLY A 1 29 ? -1.820  -5.478  -2.478  1.00 0.64 ? 29 GLY A O    1 
ATOM 410 H H    . GLY A 1 29 ? -3.455  -4.713  -0.848  1.00 0.56 ? 29 GLY A H    1 
ATOM 411 H HA2  . GLY A 1 29 ? -3.390  -3.000  -3.239  1.00 0.57 ? 29 GLY A HA2  1 
ATOM 412 H HA3  . GLY A 1 29 ? -2.382  -2.451  -1.899  1.00 0.49 ? 29 GLY A HA3  1 
ATOM 413 N N    . LYS A 1 30 ? -0.733  -3.836  -3.450  1.00 0.51 ? 30 LYS A N    1 
ATOM 414 C CA   . LYS A 1 30 ? 0.363   -4.752  -3.877  1.00 0.58 ? 30 LYS A CA   1 
ATOM 415 C C    . LYS A 1 30 ? 1.710   -4.026  -3.827  1.00 0.57 ? 30 LYS A C    1 
ATOM 416 O O    . LYS A 1 30 ? 1.788   -2.867  -3.472  1.00 0.68 ? 30 LYS A O    1 
ATOM 417 C CB   . LYS A 1 30 ? 0.016   -5.141  -5.314  1.00 0.68 ? 30 LYS A CB   1 
ATOM 418 C CG   . LYS A 1 30 ? -0.459  -6.595  -5.351  1.00 1.01 ? 30 LYS A CG   1 
ATOM 419 C CD   . LYS A 1 30 ? -1.089  -6.893  -6.712  1.00 1.48 ? 30 LYS A CD   1 
ATOM 420 C CE   . LYS A 1 30 ? -0.455  -8.155  -7.303  1.00 2.05 ? 30 LYS A CE   1 
ATOM 421 N NZ   . LYS A 1 30 ? -1.471  -9.225  -7.102  1.00 2.46 ? 30 LYS A NZ   1 
ATOM 422 H H    . LYS A 1 30 ? -0.692  -2.884  -3.678  1.00 0.56 ? 30 LYS A H    1 
ATOM 423 H HA   . LYS A 1 30 ? 0.384   -5.631  -3.253  1.00 0.63 ? 30 LYS A HA   1 
ATOM 424 H HB2  . LYS A 1 30 ? -0.768  -4.496  -5.683  1.00 0.85 ? 30 LYS A HB2  1 
ATOM 425 H HB3  . LYS A 1 30 ? 0.892   -5.036  -5.937  1.00 0.79 ? 30 LYS A HB3  1 
ATOM 426 H HG2  . LYS A 1 30 ? 0.383   -7.253  -5.190  1.00 1.49 ? 30 LYS A HG2  1 
ATOM 427 H HG3  . LYS A 1 30 ? -1.193  -6.753  -4.574  1.00 1.67 ? 30 LYS A HG3  1 
ATOM 428 H HD2  . LYS A 1 30 ? -2.152  -7.045  -6.592  1.00 2.07 ? 30 LYS A HD2  1 
ATOM 429 H HD3  . LYS A 1 30 ? -0.917  -6.061  -7.378  1.00 2.03 ? 30 LYS A HD3  1 
ATOM 430 H HE2  . LYS A 1 30 ? -0.256  -8.015  -8.357  1.00 2.55 ? 30 LYS A HE2  1 
ATOM 431 H HE3  . LYS A 1 30 ? 0.452   -8.403  -6.776  1.00 2.51 ? 30 LYS A HE3  1 
ATOM 432 H HZ1  . LYS A 1 30 ? -2.422  -8.835  -7.265  1.00 2.76 ? 30 LYS A HZ1  1 
ATOM 433 H HZ2  . LYS A 1 30 ? -1.294  -10.001 -7.769  1.00 2.79 ? 30 LYS A HZ2  1 
ATOM 434 H HZ3  . LYS A 1 30 ? -1.406  -9.586  -6.129  1.00 2.85 ? 30 LYS A HZ3  1 
ATOM 435 N N    . CYS A 1 31 ? 2.771   -4.699  -4.180  1.00 0.64 ? 31 CYS A N    1 
ATOM 436 C CA   . CYS A 1 31 ? 4.111   -4.045  -4.152  1.00 0.66 ? 31 CYS A CA   1 
ATOM 437 C C    . CYS A 1 31 ? 4.514   -3.602  -5.561  1.00 0.74 ? 31 CYS A C    1 
ATOM 438 O O    . CYS A 1 31 ? 4.832   -4.413  -6.410  1.00 0.93 ? 31 CYS A O    1 
ATOM 439 C CB   . CYS A 1 31 ? 5.065   -5.122  -3.635  1.00 0.75 ? 31 CYS A CB   1 
ATOM 440 S SG   . CYS A 1 31 ? 6.774   -4.569  -3.855  1.00 0.85 ? 31 CYS A SG   1 
ATOM 441 H H    . CYS A 1 31 ? 2.687   -5.633  -4.463  1.00 0.78 ? 31 CYS A H    1 
ATOM 442 H HA   . CYS A 1 31 ? 4.106   -3.203  -3.479  1.00 0.62 ? 31 CYS A HA   1 
ATOM 443 H HB2  . CYS A 1 31 ? 4.876   -5.297  -2.586  1.00 0.75 ? 31 CYS A HB2  1 
ATOM 444 H HB3  . CYS A 1 31 ? 4.909   -6.037  -4.186  1.00 0.82 ? 31 CYS A HB3  1 
ATOM 445 N N    . MET A 1 32 ? 4.503   -2.324  -5.818  1.00 0.71 ? 32 MET A N    1 
ATOM 446 C CA   . MET A 1 32 ? 4.884   -1.831  -7.172  1.00 0.83 ? 32 MET A CA   1 
ATOM 447 C C    . MET A 1 32 ? 6.076   -0.876  -7.072  1.00 0.75 ? 32 MET A C    1 
ATOM 448 O O    . MET A 1 32 ? 6.023   0.130   -6.392  1.00 0.76 ? 32 MET A O    1 
ATOM 449 C CB   . MET A 1 32 ? 3.649   -1.093  -7.689  1.00 0.95 ? 32 MET A CB   1 
ATOM 450 C CG   . MET A 1 32 ? 3.627   -1.141  -9.218  1.00 1.55 ? 32 MET A CG   1 
ATOM 451 S SD   . MET A 1 32 ? 2.371   0.005   -9.839  1.00 2.11 ? 32 MET A SD   1 
ATOM 452 C CE   . MET A 1 32 ? 2.259   -0.666  -11.515 1.00 2.99 ? 32 MET A CE   1 
ATOM 453 H H    . MET A 1 32 ? 4.243   -1.686  -5.120  1.00 0.71 ? 32 MET A H    1 
ATOM 454 H HA   . MET A 1 32 ? 5.117   -2.659  -7.823  1.00 0.98 ? 32 MET A HA   1 
ATOM 455 H HB2  . MET A 1 32 ? 2.758   -1.567  -7.300  1.00 1.17 ? 32 MET A HB2  1 
ATOM 456 H HB3  . MET A 1 32 ? 3.681   -0.065  -7.363  1.00 1.25 ? 32 MET A HB3  1 
ATOM 457 H HG2  . MET A 1 32 ? 4.595   -0.855  -9.601  1.00 2.11 ? 32 MET A HG2  1 
ATOM 458 H HG3  . MET A 1 32 ? 3.391   -2.143  -9.543  1.00 2.11 ? 32 MET A HG3  1 
ATOM 459 H HE1  . MET A 1 32 ? 3.169   -1.203  -11.747 1.00 3.36 ? 32 MET A HE1  1 
ATOM 460 H HE2  . MET A 1 32 ? 1.413   -1.337  -11.577 1.00 3.44 ? 32 MET A HE2  1 
ATOM 461 H HE3  . MET A 1 32 ? 2.130   0.139   -12.220 1.00 3.36 ? 32 MET A HE3  1 
ATOM 462 N N    . ASN A 1 33 ? 7.153   -1.183  -7.743  1.00 0.79 ? 33 ASN A N    1 
ATOM 463 C CA   . ASN A 1 33 ? 8.347   -0.292  -7.684  1.00 0.85 ? 33 ASN A CA   1 
ATOM 464 C C    . ASN A 1 33 ? 8.909   -0.252  -6.260  1.00 0.78 ? 33 ASN A C    1 
ATOM 465 O O    . ASN A 1 33 ? 9.167   0.802   -5.714  1.00 0.80 ? 33 ASN A O    1 
ATOM 466 C CB   . ASN A 1 33 ? 7.833   1.088   -8.097  1.00 0.96 ? 33 ASN A CB   1 
ATOM 467 C CG   . ASN A 1 33 ? 8.791   1.705   -9.118  1.00 1.46 ? 33 ASN A CG   1 
ATOM 468 O OD1  . ASN A 1 33 ? 9.838   1.156   -9.395  1.00 2.15 ? 33 ASN A OD1  1 
ATOM 469 N ND2  . ASN A 1 33 ? 8.473   2.833   -9.693  1.00 1.99 ? 33 ASN A ND2  1 
ATOM 470 H H    . ASN A 1 33 ? 7.176   -1.999  -8.285  1.00 0.86 ? 33 ASN A H    1 
ATOM 471 H HA   . ASN A 1 33 ? 9.102   -0.627  -8.379  1.00 0.95 ? 33 ASN A HA   1 
ATOM 472 H HB2  . ASN A 1 33 ? 6.851   0.988   -8.538  1.00 1.13 ? 33 ASN A HB2  1 
ATOM 473 H HB3  . ASN A 1 33 ? 7.776   1.725   -7.229  1.00 1.21 ? 33 ASN A HB3  1 
ATOM 474 H HD21 . ASN A 1 33 ? 7.629   3.277   -9.469  1.00 2.34 ? 33 ASN A HD21 1 
ATOM 475 H HD22 . ASN A 1 33 ? 9.080   3.237   -10.348 1.00 2.46 ? 33 ASN A HD22 1 
ATOM 476 N N    . ASN A 1 34 ? 9.098   -1.392  -5.655  1.00 0.75 ? 34 ASN A N    1 
ATOM 477 C CA   . ASN A 1 34 ? 9.641   -1.418  -4.266  1.00 0.74 ? 34 ASN A CA   1 
ATOM 478 C C    . ASN A 1 34 ? 8.721   -0.638  -3.324  1.00 0.66 ? 34 ASN A C    1 
ATOM 479 O O    . ASN A 1 34 ? 9.100   -0.281  -2.225  1.00 0.71 ? 34 ASN A O    1 
ATOM 480 C CB   . ASN A 1 34 ? 11.009  -0.742  -4.364  1.00 0.83 ? 34 ASN A CB   1 
ATOM 481 C CG   . ASN A 1 34 ? 11.786  -1.329  -5.543  1.00 1.07 ? 34 ASN A CG   1 
ATOM 482 O OD1  . ASN A 1 34 ? 12.619  -0.665  -6.128  1.00 1.60 ? 34 ASN A OD1  1 
ATOM 483 N ND2  . ASN A 1 34 ? 11.549  -2.556  -5.920  1.00 1.05 ? 34 ASN A ND2  1 
ATOM 484 H H    . ASN A 1 34 ? 8.882   -2.232  -6.112  1.00 0.78 ? 34 ASN A H    1 
ATOM 485 H HA   . ASN A 1 34 ? 9.756   -2.435  -3.925  1.00 0.77 ? 34 ASN A HA   1 
ATOM 486 H HB2  . ASN A 1 34 ? 10.875  0.320   -4.514  1.00 0.91 ? 34 ASN A HB2  1 
ATOM 487 H HB3  . ASN A 1 34 ? 11.560  -0.911  -3.452  1.00 0.91 ? 34 ASN A HB3  1 
ATOM 488 H HD21 . ASN A 1 34 ? 10.876  -3.092  -5.448  1.00 1.17 ? 34 ASN A HD21 1 
ATOM 489 H HD22 . ASN A 1 34 ? 12.041  -2.941  -6.674  1.00 1.21 ? 34 ASN A HD22 1 
ATOM 490 N N    . LYS A 1 35 ? 7.515   -0.369  -3.744  1.00 0.62 ? 35 LYS A N    1 
ATOM 491 C CA   . LYS A 1 35 ? 6.573   0.388   -2.870  1.00 0.59 ? 35 LYS A CA   1 
ATOM 492 C C    . LYS A 1 35 ? 5.190   -0.267  -2.891  1.00 0.53 ? 35 LYS A C    1 
ATOM 493 O O    . LYS A 1 35 ? 4.780   -0.843  -3.879  1.00 0.61 ? 35 LYS A O    1 
ATOM 494 C CB   . LYS A 1 35 ? 6.511   1.791   -3.477  1.00 0.67 ? 35 LYS A CB   1 
ATOM 495 C CG   . LYS A 1 35 ? 7.884   2.458   -3.366  1.00 0.82 ? 35 LYS A CG   1 
ATOM 496 C CD   . LYS A 1 35 ? 7.721   3.977   -3.440  1.00 1.16 ? 35 LYS A CD   1 
ATOM 497 C CE   . LYS A 1 35 ? 9.053   4.650   -3.099  1.00 1.68 ? 35 LYS A CE   1 
ATOM 498 N NZ   . LYS A 1 35 ? 8.742   6.105   -3.036  1.00 2.16 ? 35 LYS A NZ   1 
ATOM 499 H H    . LYS A 1 35 ? 7.229   -0.665  -4.633  1.00 0.68 ? 35 LYS A H    1 
ATOM 500 H HA   . LYS A 1 35 ? 6.952   0.440   -1.862  1.00 0.60 ? 35 LYS A HA   1 
ATOM 501 H HB2  . LYS A 1 35 ? 6.227   1.720   -4.518  1.00 0.72 ? 35 LYS A HB2  1 
ATOM 502 H HB3  . LYS A 1 35 ? 5.782   2.381   -2.945  1.00 0.71 ? 35 LYS A HB3  1 
ATOM 503 H HG2  . LYS A 1 35 ? 8.338   2.188   -2.423  1.00 1.21 ? 35 LYS A HG2  1 
ATOM 504 H HG3  . LYS A 1 35 ? 8.513   2.125   -4.178  1.00 1.24 ? 35 LYS A HG3  1 
ATOM 505 H HD2  . LYS A 1 35 ? 7.419   4.258   -4.438  1.00 1.70 ? 35 LYS A HD2  1 
ATOM 506 H HD3  . LYS A 1 35 ? 6.969   4.293   -2.733  1.00 1.75 ? 35 LYS A HD3  1 
ATOM 507 H HE2  . LYS A 1 35 ? 9.416   4.298   -2.142  1.00 2.29 ? 35 LYS A HE2  1 
ATOM 508 H HE3  . LYS A 1 35 ? 9.780   4.460   -3.872  1.00 2.10 ? 35 LYS A HE3  1 
ATOM 509 H HZ1  . LYS A 1 35 ? 7.845   6.246   -2.527  1.00 2.59 ? 35 LYS A HZ1  1 
ATOM 510 H HZ2  . LYS A 1 35 ? 9.506   6.602   -2.538  1.00 2.50 ? 35 LYS A HZ2  1 
ATOM 511 H HZ3  . LYS A 1 35 ? 8.657   6.484   -4.001  1.00 2.56 ? 35 LYS A HZ3  1 
ATOM 512 N N    . CYS A 1 36 ? 4.469   -0.186  -1.806  1.00 0.50 ? 36 CYS A N    1 
ATOM 513 C CA   . CYS A 1 36 ? 3.113   -0.805  -1.765  1.00 0.46 ? 36 CYS A CA   1 
ATOM 514 C C    . CYS A 1 36 ? 2.082   0.137   -2.393  1.00 0.39 ? 36 CYS A C    1 
ATOM 515 O O    . CYS A 1 36 ? 2.007   1.303   -2.060  1.00 0.44 ? 36 CYS A O    1 
ATOM 516 C CB   . CYS A 1 36 ? 2.816   -1.009  -0.279  1.00 0.53 ? 36 CYS A CB   1 
ATOM 517 S SG   . CYS A 1 36 ? 3.293   -2.687  0.207   1.00 0.89 ? 36 CYS A SG   1 
ATOM 518 H H    . CYS A 1 36 ? 4.818   0.283   -1.020  1.00 0.56 ? 36 CYS A H    1 
ATOM 519 H HA   . CYS A 1 36 ? 3.116   -1.755  -2.274  1.00 0.51 ? 36 CYS A HA   1 
ATOM 520 H HB2  . CYS A 1 36 ? 3.379   -0.293  0.302   1.00 0.72 ? 36 CYS A HB2  1 
ATOM 521 H HB3  . CYS A 1 36 ? 1.761   -0.869  -0.099  1.00 0.46 ? 36 CYS A HB3  1 
ATOM 522 N N    . ARG A 1 37 ? 1.285   -0.360  -3.299  1.00 0.39 ? 37 ARG A N    1 
ATOM 523 C CA   . ARG A 1 37 ? 0.260   0.507   -3.948  1.00 0.44 ? 37 ARG A CA   1 
ATOM 524 C C    . ARG A 1 37 ? -1.138  -0.085  -3.746  1.00 0.42 ? 37 ARG A C    1 
ATOM 525 O O    . ARG A 1 37 ? -1.460  -1.132  -4.270  1.00 0.56 ? 37 ARG A O    1 
ATOM 526 C CB   . ARG A 1 37 ? 0.630   0.516   -5.432  1.00 0.57 ? 37 ARG A CB   1 
ATOM 527 C CG   . ARG A 1 37 ? -0.462  1.236   -6.226  1.00 1.22 ? 37 ARG A CG   1 
ATOM 528 C CD   . ARG A 1 37 ? -0.411  0.786   -7.687  1.00 1.66 ? 37 ARG A CD   1 
ATOM 529 N NE   . ARG A 1 37 ? -1.576  1.451   -8.335  1.00 2.24 ? 37 ARG A NE   1 
ATOM 530 C CZ   . ARG A 1 37 ? -1.974  1.072   -9.520  1.00 2.82 ? 37 ARG A CZ   1 
ATOM 531 N NH1  . ARG A 1 37 ? -1.354  0.107   -10.144 1.00 3.13 ? 37 ARG A NH1  1 
ATOM 532 N NH2  . ARG A 1 37 ? -2.995  1.659   -10.081 1.00 3.59 ? 37 ARG A NH2  1 
ATOM 533 H H    . ARG A 1 37 ? 1.362   -1.304  -3.554  1.00 0.45 ? 37 ARG A H    1 
ATOM 534 H HA   . ARG A 1 37 ? 0.307   1.509   -3.551  1.00 0.48 ? 37 ARG A HA   1 
ATOM 535 H HB2  . ARG A 1 37 ? 1.571   1.028   -5.565  1.00 1.16 ? 37 ARG A HB2  1 
ATOM 536 H HB3  . ARG A 1 37 ? 0.719   -0.500  -5.786  1.00 1.00 ? 37 ARG A HB3  1 
ATOM 537 H HG2  . ARG A 1 37 ? -1.429  0.996   -5.807  1.00 1.81 ? 37 ARG A HG2  1 
ATOM 538 H HG3  . ARG A 1 37 ? -0.301  2.302   -6.174  1.00 1.84 ? 37 ARG A HG3  1 
ATOM 539 H HD2  . ARG A 1 37 ? 0.513   1.109   -8.147  1.00 2.05 ? 37 ARG A HD2  1 
ATOM 540 H HD3  . ARG A 1 37 ? -0.513  -0.286  -7.755  1.00 2.13 ? 37 ARG A HD3  1 
ATOM 541 H HE   . ARG A 1 37 ? -2.044  2.176   -7.871  1.00 2.65 ? 37 ARG A HE   1 
ATOM 542 H HH11 . ARG A 1 37 ? -0.571  -0.345  -9.717  1.00 2.97 ? 37 ARG A HH11 1 
ATOM 543 H HH12 . ARG A 1 37 ? -1.663  -0.180  -11.050 1.00 3.85 ? 37 ARG A HH12 1 
ATOM 544 H HH21 . ARG A 1 37 ? -3.471  2.398   -9.605  1.00 3.87 ? 37 ARG A HH21 1 
ATOM 545 H HH22 . ARG A 1 37 ? -3.301  1.370   -10.989 1.00 4.14 ? 37 ARG A HH22 1 
ATOM 546 N N    . CYS A 1 38 ? -1.969  0.578   -2.990  1.00 0.43 ? 38 CYS A N    1 
ATOM 547 C CA   . CYS A 1 38 ? -3.345  0.053   -2.755  1.00 0.43 ? 38 CYS A CA   1 
ATOM 548 C C    . CYS A 1 38 ? -4.276  0.485   -3.891  1.00 0.49 ? 38 CYS A C    1 
ATOM 549 O O    . CYS A 1 38 ? -3.990  1.410   -4.624  1.00 0.56 ? 38 CYS A O    1 
ATOM 550 C CB   . CYS A 1 38 ? -3.787  0.679   -1.432  1.00 0.48 ? 38 CYS A CB   1 
ATOM 551 S SG   . CYS A 1 38 ? -2.520  0.387   -0.173  1.00 0.50 ? 38 CYS A SG   1 
ATOM 552 H H    . CYS A 1 38 ? -1.690  1.422   -2.576  1.00 0.55 ? 38 CYS A H    1 
ATOM 553 H HA   . CYS A 1 38 ? -3.329  -1.022  -2.667  1.00 0.44 ? 38 CYS A HA   1 
ATOM 554 H HB2  . CYS A 1 38 ? -3.924  1.742   -1.564  1.00 0.60 ? 38 CYS A HB2  1 
ATOM 555 H HB3  . CYS A 1 38 ? -4.718  0.232   -1.116  1.00 0.54 ? 38 CYS A HB3  1 
ATOM 556 N N    . TYR A 1 39 ? -5.389  -0.180  -4.042  1.00 0.58 ? 39 TYR A N    1 
ATOM 557 C CA   . TYR A 1 39 ? -6.338  0.192   -5.132  1.00 0.70 ? 39 TYR A CA   1 
ATOM 558 C C    . TYR A 1 39 ? -7.778  0.160   -4.612  1.00 0.86 ? 39 TYR A C    1 
ATOM 559 O O    . TYR A 1 39 ? -8.072  -0.458  -3.608  1.00 1.24 ? 39 TYR A O    1 
ATOM 560 C CB   . TYR A 1 39 ? -6.134  -0.868  -6.214  1.00 1.16 ? 39 TYR A CB   1 
ATOM 561 C CG   . TYR A 1 39 ? -6.712  -2.183  -5.747  1.00 1.56 ? 39 TYR A CG   1 
ATOM 562 C CD1  . TYR A 1 39 ? -8.086  -2.422  -5.860  1.00 2.16 ? 39 TYR A CD1  1 
ATOM 563 C CD2  . TYR A 1 39 ? -5.873  -3.161  -5.201  1.00 2.18 ? 39 TYR A CD2  1 
ATOM 564 C CE1  . TYR A 1 39 ? -8.622  -3.642  -5.428  1.00 2.66 ? 39 TYR A CE1  1 
ATOM 565 C CE2  . TYR A 1 39 ? -6.408  -4.380  -4.768  1.00 2.69 ? 39 TYR A CE2  1 
ATOM 566 C CZ   . TYR A 1 39 ? -7.783  -4.620  -4.882  1.00 2.70 ? 39 TYR A CZ   1 
ATOM 567 O OH   . TYR A 1 39 ? -8.311  -5.822  -4.455  1.00 3.32 ? 39 TYR A OH   1 
ATOM 568 H H    . TYR A 1 39 ? -5.602  -0.924  -3.440  1.00 0.64 ? 39 TYR A H    1 
ATOM 569 H HA   . TYR A 1 39 ? -6.099  1.168   -5.522  1.00 0.76 ? 39 TYR A HA   1 
ATOM 570 H HB2  . TYR A 1 39 ? -6.632  -0.557  -7.120  1.00 1.21 ? 39 TYR A HB2  1 
ATOM 571 H HB3  . TYR A 1 39 ? -5.078  -0.988  -6.406  1.00 1.43 ? 39 TYR A HB3  1 
ATOM 572 H HD1  . TYR A 1 39 ? -8.733  -1.667  -6.282  1.00 2.66 ? 39 TYR A HD1  1 
ATOM 573 H HD2  . TYR A 1 39 ? -4.812  -2.976  -5.114  1.00 2.67 ? 39 TYR A HD2  1 
ATOM 574 H HE1  . TYR A 1 39 ? -9.682  -3.827  -5.515  1.00 3.35 ? 39 TYR A HE1  1 
ATOM 575 H HE2  . TYR A 1 39 ? -5.761  -5.135  -4.347  1.00 3.40 ? 39 TYR A HE2  1 
ATOM 576 H HH   . TYR A 1 39 ? -8.173  -6.470  -5.150  1.00 3.62 ? 39 TYR A HH   1 
ATOM 577 N N    . THR A 1 40 ? -8.677  0.821   -5.289  1.00 0.93 ? 40 THR A N    1 
ATOM 578 C CA   . THR A 1 40 ? -10.097 0.827   -4.833  1.00 1.33 ? 40 THR A CA   1 
ATOM 579 C C    . THR A 1 40 ? -11.022 0.409   -5.979  1.00 1.72 ? 40 THR A C    1 
ATOM 580 O O    . THR A 1 40 ? -10.529 0.250   -7.084  1.00 2.28 ? 40 THR A O    1 
ATOM 581 C CB   . THR A 1 40 ? -10.374 2.273   -4.419  1.00 1.43 ? 40 THR A CB   1 
ATOM 582 O OG1  . THR A 1 40 ? -10.309 3.112   -5.565  1.00 1.72 ? 40 THR A OG1  1 
ATOM 583 C CG2  . THR A 1 40 ? -9.332  2.721   -3.395  1.00 1.44 ? 40 THR A CG2  1 
ATOM 584 O OXT  . THR A 1 40 ? -12.207 0.254   -5.733  1.00 2.12 ? 40 THR A OXT  1 
ATOM 585 H H    . THR A 1 40 ? -8.420  1.313   -6.095  1.00 0.93 ? 40 THR A H    1 
ATOM 586 H HA   . THR A 1 40 ? -10.224 0.171   -3.987  1.00 1.65 ? 40 THR A HA   1 
ATOM 587 H HB   . THR A 1 40 ? -11.358 2.340   -3.980  1.00 1.80 ? 40 THR A HB   1 
ATOM 588 H HG1  . THR A 1 40 ? -9.587  2.802   -6.117  1.00 1.99 ? 40 THR A HG1  1 
ATOM 589 H HG21 . THR A 1 40 ? -8.497  2.036   -3.406  1.00 1.76 ? 40 THR A HG21 1 
ATOM 590 H HG22 . THR A 1 40 ? -8.986  3.714   -3.644  1.00 1.81 ? 40 THR A HG22 1 
ATOM 591 H HG23 . THR A 1 40 ? -9.776  2.732   -2.411  1.00 1.83 ? 40 THR A HG23 1 
# 
